data_5SNM
#
_entry.id   5SNM
#
_cell.length_a   137.726
_cell.length_b   65.224
_cell.length_c   84.461
_cell.angle_alpha   90.000
_cell.angle_beta   93.530
_cell.angle_gamma   90.000
#
_symmetry.space_group_name_H-M   'C 1 2 1'
#
loop_
_entity.id
_entity.type
_entity.pdbx_description
1 polymer '3-oxoacyl-[acyl-carrier-protein] synthase 2'
2 non-polymer N,N-diethyl-3-methyl-1,2-oxazole-5-carboxamide
3 non-polymer 'DIMETHYL SULFOXIDE'
4 non-polymer 'PHOSPHATE ION'
5 water water
#
_entity_poly.entity_id   1
_entity_poly.type   'polypeptide(L)'
_entity_poly.pdbx_seq_one_letter_code
;MSRRRVVITGMGMLSPLGLDVPSSWEGILAGRSGIAPIEHMDLSAYSTRFGGSVKGFNVEEYLSAKEARKLDLFIQYGLA
ASFQAVRDSGLEVTDANRERIGVSMGSGIGGLTNIENNCRSLFEQGPRRISPFFVPGSIINMVSGFLSIHLGLQGPNYAL
TTAQTTGTHSIGMAARNIAYGEADVMVAGGSEMAACGLGLGGFGAARALSTRNDEPTRASRPWDRDRDGFVLSDGSGALV
LEELEHARARGARIYAELVGFGMSGDAFHMTAPPEDGAGAARCMKNALRDAGLDPRQVDYINAHGTSTPAGDIAEIAAVK
SVFGEHAHALSMSSTKSMTGHLLGAAGAVEAIFSVLALRDQVAPPTINLDNPDEGCDLDLVAHEAKPRKIDVALSNSFGF
GGTNGTLVFRRFAD
;
_entity_poly.pdbx_strand_id   A,B
#
loop_
_chem_comp.id
_chem_comp.type
_chem_comp.name
_chem_comp.formula
DMS non-polymer 'DIMETHYL SULFOXIDE' 'C2 H6 O S'
PO4 non-polymer 'PHOSPHATE ION' 'O4 P -3'
Q4U non-polymer N,N-diethyl-3-methyl-1,2-oxazole-5-carboxamide 'C9 H14 N2 O2'
#
# COMPACT_ATOMS: atom_id res chain seq x y z
N SER A 2 8.96 -21.16 13.47
CA SER A 2 7.69 -20.96 14.26
C SER A 2 7.60 -19.52 14.78
N ARG A 3 6.39 -19.10 15.18
CA ARG A 3 6.01 -17.66 15.28
C ARG A 3 6.71 -16.97 16.45
N ARG A 4 7.46 -15.90 16.18
CA ARG A 4 8.22 -15.17 17.21
C ARG A 4 7.38 -14.06 17.80
N ARG A 5 7.73 -13.65 19.01
CA ARG A 5 7.05 -12.54 19.73
C ARG A 5 7.62 -11.20 19.27
N VAL A 6 6.77 -10.18 19.31
CA VAL A 6 7.10 -8.83 18.78
C VAL A 6 6.84 -7.78 19.84
N VAL A 7 7.85 -6.95 20.08
CA VAL A 7 7.72 -5.84 21.07
C VAL A 7 7.96 -4.48 20.42
N ILE A 8 7.54 -3.46 21.15
CA ILE A 8 7.67 -2.04 20.74
C ILE A 8 8.83 -1.42 21.52
N THR A 9 9.86 -0.94 20.82
CA THR A 9 11.11 -0.46 21.44
C THR A 9 11.31 1.04 21.16
N GLY A 10 10.55 1.63 20.26
CA GLY A 10 10.74 3.02 19.81
C GLY A 10 9.46 3.56 19.21
N MET A 11 9.15 4.84 19.47
CA MET A 11 7.95 5.48 18.88
C MET A 11 8.29 6.93 18.50
N GLY A 12 7.61 7.42 17.49
CA GLY A 12 7.83 8.79 16.99
C GLY A 12 6.53 9.34 16.41
N MET A 13 6.40 10.66 16.38
CA MET A 13 5.09 11.24 16.06
C MET A 13 5.19 12.72 15.68
N LEU A 14 4.39 13.12 14.70
CA LEU A 14 3.94 14.51 14.51
C LEU A 14 2.41 14.45 14.58
N SER A 15 1.81 15.32 15.37
CA SER A 15 0.34 15.38 15.49
C SER A 15 -0.07 16.83 15.63
N PRO A 16 -1.39 17.08 15.54
CA PRO A 16 -1.94 18.39 15.84
C PRO A 16 -1.71 18.81 17.30
N LEU A 17 -1.22 17.91 18.17
CA LEU A 17 -1.00 18.27 19.59
C LEU A 17 0.48 18.47 19.88
N GLY A 18 1.37 18.10 18.97
CA GLY A 18 2.80 18.23 19.25
C GLY A 18 3.73 17.72 18.15
N LEU A 19 5.02 18.09 18.25
CA LEU A 19 6.06 17.74 17.25
C LEU A 19 6.84 16.50 17.69
N ASP A 20 6.36 15.81 18.72
CA ASP A 20 6.91 14.50 19.12
C ASP A 20 5.88 13.77 19.98
N VAL A 21 6.27 12.60 20.46
CA VAL A 21 5.37 11.77 21.29
C VAL A 21 5.07 12.39 22.65
N PRO A 22 6.05 12.72 23.52
CA PRO A 22 5.75 13.23 24.84
C PRO A 22 4.85 14.47 24.81
N SER A 23 5.11 15.43 23.90
CA SER A 23 4.29 16.66 23.78
C SER A 23 2.87 16.32 23.33
N SER A 24 2.71 15.44 22.35
CA SER A 24 1.38 14.97 21.91
C SER A 24 0.64 14.33 23.08
N TRP A 25 1.29 13.45 23.83
CA TRP A 25 0.68 12.63 24.90
C TRP A 25 0.25 13.54 26.08
N GLU A 26 1.06 14.55 26.41
N GLU A 26 1.06 14.55 26.41
CA GLU A 26 0.71 15.59 27.40
CA GLU A 26 0.69 15.59 27.41
C GLU A 26 -0.63 16.23 27.00
C GLU A 26 -0.65 16.22 27.00
N GLY A 27 -0.79 16.59 25.72
CA GLY A 27 -2.04 17.20 25.24
C GLY A 27 -3.21 16.24 25.37
N ILE A 28 -2.99 14.99 24.97
CA ILE A 28 -3.99 13.88 25.08
C ILE A 28 -4.46 13.79 26.54
N LEU A 29 -3.55 13.70 27.49
CA LEU A 29 -3.95 13.47 28.90
C LEU A 29 -4.59 14.72 29.48
N ALA A 30 -4.33 15.91 28.89
CA ALA A 30 -4.88 17.17 29.44
C ALA A 30 -6.21 17.51 28.73
N GLY A 31 -6.61 16.71 27.74
CA GLY A 31 -7.89 16.92 27.06
C GLY A 31 -7.79 18.10 26.11
N ARG A 32 -6.61 18.46 25.64
CA ARG A 32 -6.42 19.64 24.77
C ARG A 32 -6.84 19.27 23.34
N SER A 33 -7.52 20.20 22.64
CA SER A 33 -7.82 20.10 21.18
C SER A 33 -6.64 20.62 20.34
N GLY A 34 -6.34 19.90 19.26
CA GLY A 34 -5.35 20.27 18.24
C GLY A 34 -6.03 20.93 17.05
N ILE A 35 -7.32 21.24 17.13
CA ILE A 35 -8.11 21.61 15.94
C ILE A 35 -8.27 23.13 15.93
N ALA A 36 -8.12 23.74 14.76
CA ALA A 36 -8.10 25.19 14.58
C ALA A 36 -8.36 25.52 13.11
N PRO A 37 -8.83 26.75 12.82
CA PRO A 37 -8.96 27.20 11.45
C PRO A 37 -7.61 26.98 10.77
N ILE A 38 -7.66 26.48 9.54
CA ILE A 38 -6.49 26.23 8.69
C ILE A 38 -5.94 27.58 8.21
N GLU A 39 -4.64 27.77 8.39
CA GLU A 39 -3.94 29.04 8.05
C GLU A 39 -3.16 28.94 6.73
N HIS A 40 -2.87 27.74 6.22
CA HIS A 40 -1.85 27.53 5.15
C HIS A 40 -2.47 27.73 3.77
N MET A 41 -3.79 27.88 3.68
CA MET A 41 -4.47 28.18 2.40
C MET A 41 -5.81 28.88 2.66
N ASP A 42 -6.33 29.57 1.66
CA ASP A 42 -7.60 30.32 1.73
C ASP A 42 -8.78 29.37 1.51
N LEU A 43 -9.58 29.10 2.55
CA LEU A 43 -10.71 28.14 2.46
C LEU A 43 -12.06 28.87 2.48
N SER A 44 -12.15 30.14 2.05
CA SER A 44 -13.45 30.86 2.14
C SER A 44 -14.50 30.17 1.24
N ALA A 45 -14.14 29.53 0.13
CA ALA A 45 -15.10 28.89 -0.79
C ALA A 45 -15.51 27.48 -0.30
N TYR A 46 -14.85 26.98 0.75
CA TYR A 46 -15.03 25.59 1.25
C TYR A 46 -16.08 25.56 2.37
N SER A 47 -16.80 24.45 2.50
CA SER A 47 -17.80 24.24 3.59
C SER A 47 -17.14 23.89 4.93
N THR A 48 -15.86 23.50 4.92
CA THR A 48 -15.05 23.23 6.14
C THR A 48 -13.75 24.01 6.03
N ARG A 49 -13.41 24.77 7.06
CA ARG A 49 -12.26 25.70 7.00
C ARG A 49 -11.28 25.46 8.15
N PHE A 50 -11.35 24.30 8.80
CA PHE A 50 -10.52 23.99 9.98
C PHE A 50 -10.09 22.54 9.89
N GLY A 51 -9.17 22.18 10.76
CA GLY A 51 -8.65 20.81 10.82
C GLY A 51 -7.52 20.74 11.82
N GLY A 52 -6.88 19.58 11.87
CA GLY A 52 -5.73 19.37 12.75
C GLY A 52 -4.43 19.49 11.99
N SER A 53 -3.82 20.66 12.01
CA SER A 53 -2.54 20.94 11.32
C SER A 53 -1.41 20.59 12.27
N VAL A 54 -0.26 20.24 11.73
CA VAL A 54 0.97 20.12 12.54
C VAL A 54 1.46 21.56 12.67
N LYS A 55 1.68 22.08 13.87
CA LYS A 55 2.02 23.50 14.04
C LYS A 55 3.53 23.61 14.27
N GLY A 56 4.21 24.42 13.47
CA GLY A 56 5.62 24.77 13.74
C GLY A 56 6.58 23.64 13.36
N PHE A 57 6.18 22.76 12.47
CA PHE A 57 7.06 21.67 12.00
C PHE A 57 8.31 22.27 11.38
N ASN A 58 9.46 21.82 11.85
CA ASN A 58 10.77 22.24 11.29
C ASN A 58 11.42 21.02 10.66
N VAL A 59 11.29 20.90 9.35
CA VAL A 59 11.91 19.77 8.60
C VAL A 59 13.44 19.81 8.74
N GLU A 60 14.01 20.97 9.03
CA GLU A 60 15.50 21.09 9.16
C GLU A 60 15.99 20.63 10.54
N GLU A 61 15.10 20.09 11.38
CA GLU A 61 15.50 19.21 12.52
C GLU A 61 15.88 17.83 12.00
N TYR A 62 15.64 17.50 10.73
CA TYR A 62 15.75 16.13 10.21
C TYR A 62 16.52 16.06 8.89
N LEU A 63 16.27 16.98 7.97
CA LEU A 63 16.73 16.85 6.57
C LEU A 63 17.20 18.22 6.12
N SER A 64 18.10 18.25 5.16
CA SER A 64 18.57 19.50 4.54
C SER A 64 17.43 20.16 3.77
N ALA A 65 17.43 21.49 3.70
CA ALA A 65 16.36 22.23 3.01
C ALA A 65 16.37 21.78 1.53
N LYS A 66 17.54 21.46 0.96
CA LYS A 66 17.58 21.10 -0.47
C LYS A 66 16.83 19.79 -0.73
N GLU A 67 16.92 18.84 0.20
CA GLU A 67 16.17 17.55 0.08
C GLU A 67 14.69 17.79 0.34
N ALA A 68 14.37 18.55 1.40
CA ALA A 68 12.96 18.73 1.82
C ALA A 68 12.14 19.37 0.71
N ARG A 69 12.73 20.28 -0.08
CA ARG A 69 12.04 20.97 -1.18
C ARG A 69 11.55 19.96 -2.22
N LYS A 70 12.15 18.76 -2.28
CA LYS A 70 11.77 17.70 -3.25
C LYS A 70 10.57 16.89 -2.75
N LEU A 71 10.17 16.98 -1.48
CA LEU A 71 9.32 15.95 -0.84
C LEU A 71 7.99 16.55 -0.41
N ASP A 72 6.89 15.89 -0.76
CA ASP A 72 5.58 16.27 -0.23
C ASP A 72 5.64 16.27 1.30
N LEU A 73 4.83 17.12 1.92
CA LEU A 73 4.73 17.11 3.39
C LEU A 73 4.45 15.69 3.94
N PHE A 74 3.62 14.86 3.33
CA PHE A 74 3.37 13.52 3.95
C PHE A 74 4.71 12.74 4.08
N ILE A 75 5.61 12.87 3.10
CA ILE A 75 6.94 12.21 3.22
C ILE A 75 7.72 12.89 4.32
N GLN A 76 7.79 14.21 4.34
CA GLN A 76 8.55 14.89 5.40
C GLN A 76 8.03 14.44 6.79
N TYR A 77 6.71 14.32 6.99
CA TYR A 77 6.13 13.98 8.31
C TYR A 77 6.48 12.51 8.64
N GLY A 78 6.37 11.65 7.65
CA GLY A 78 6.67 10.22 7.84
C GLY A 78 8.13 9.99 8.20
N LEU A 79 9.04 10.71 7.55
CA LEU A 79 10.49 10.63 7.86
C LEU A 79 10.71 11.16 9.27
N ALA A 80 10.10 12.29 9.63
CA ALA A 80 10.32 12.88 10.97
C ALA A 80 9.91 11.87 12.03
N ALA A 81 8.70 11.31 11.93
CA ALA A 81 8.23 10.30 12.92
C ALA A 81 9.16 9.09 12.94
N SER A 82 9.58 8.59 11.78
CA SER A 82 10.47 7.42 11.63
C SER A 82 11.82 7.69 12.30
N PHE A 83 12.41 8.86 12.02
CA PHE A 83 13.71 9.20 12.64
C PHE A 83 13.57 9.25 14.15
N GLN A 84 12.48 9.82 14.66
CA GLN A 84 12.25 9.91 16.11
C GLN A 84 12.18 8.47 16.65
N ALA A 85 11.43 7.60 15.99
CA ALA A 85 11.19 6.23 16.51
C ALA A 85 12.51 5.46 16.56
N VAL A 86 13.29 5.57 15.51
CA VAL A 86 14.59 4.84 15.47
C VAL A 86 15.51 5.33 16.59
N ARG A 87 15.59 6.66 16.79
N ARG A 87 15.61 6.65 16.80
CA ARG A 87 16.45 7.27 17.84
CA ARG A 87 16.49 7.22 17.85
C ARG A 87 15.95 6.78 19.20
C ARG A 87 15.96 6.79 19.22
N ASP A 88 14.63 6.83 19.41
CA ASP A 88 13.98 6.40 20.66
C ASP A 88 14.30 4.92 20.94
N SER A 89 14.48 4.09 19.92
CA SER A 89 14.73 2.64 20.08
C SER A 89 16.16 2.40 20.61
N GLY A 90 17.12 3.29 20.38
CA GLY A 90 18.55 3.05 20.66
C GLY A 90 19.21 2.08 19.66
N LEU A 91 18.46 1.58 18.67
CA LEU A 91 19.02 0.56 17.75
C LEU A 91 20.13 1.22 16.92
N GLU A 92 21.26 0.50 16.78
CA GLU A 92 22.36 0.89 15.88
C GLU A 92 22.30 -0.04 14.67
N VAL A 93 22.15 0.55 13.49
CA VAL A 93 22.18 -0.14 12.19
C VAL A 93 23.65 -0.44 11.86
N THR A 94 23.94 -1.69 11.55
CA THR A 94 25.30 -2.16 11.19
C THR A 94 25.25 -3.06 9.96
N ASP A 95 26.43 -3.37 9.43
CA ASP A 95 26.52 -4.35 8.33
C ASP A 95 25.92 -5.67 8.81
N ALA A 96 26.02 -6.03 10.09
CA ALA A 96 25.58 -7.34 10.60
C ALA A 96 24.03 -7.43 10.65
N ASN A 97 23.33 -6.30 10.73
CA ASN A 97 21.85 -6.35 10.95
C ASN A 97 21.07 -5.56 9.88
N ARG A 98 21.73 -4.82 8.98
CA ARG A 98 20.97 -3.92 8.09
C ARG A 98 20.06 -4.74 7.17
N GLU A 99 20.39 -6.00 6.87
CA GLU A 99 19.51 -6.77 5.95
C GLU A 99 18.25 -7.24 6.69
N ARG A 100 18.26 -7.17 8.01
CA ARG A 100 17.17 -7.71 8.87
C ARG A 100 16.30 -6.56 9.42
N ILE A 101 16.51 -5.33 8.98
CA ILE A 101 15.68 -4.15 9.36
C ILE A 101 15.00 -3.62 8.10
N GLY A 102 13.67 -3.57 8.14
CA GLY A 102 12.86 -3.00 7.05
C GLY A 102 11.93 -1.91 7.53
N VAL A 103 11.05 -1.49 6.64
CA VAL A 103 10.17 -0.31 6.89
C VAL A 103 8.87 -0.56 6.13
N SER A 104 7.79 -0.23 6.79
CA SER A 104 6.44 -0.26 6.21
C SER A 104 5.72 0.95 6.76
N MET A 105 5.90 2.08 6.09
CA MET A 105 5.21 3.33 6.43
C MET A 105 4.22 3.62 5.31
N GLY A 106 2.96 3.75 5.66
CA GLY A 106 1.88 3.86 4.68
C GLY A 106 1.25 5.25 4.63
N SER A 107 0.36 5.44 3.68
CA SER A 107 -0.46 6.66 3.58
C SER A 107 -1.78 6.30 2.93
N GLY A 108 -2.84 7.01 3.29
CA GLY A 108 -4.14 6.81 2.61
C GLY A 108 -4.15 7.42 1.23
N ILE A 109 -3.60 8.64 1.10
CA ILE A 109 -3.72 9.48 -0.13
C ILE A 109 -2.33 9.90 -0.64
N GLY A 110 -1.34 9.96 0.24
CA GLY A 110 0.01 10.39 -0.12
C GLY A 110 0.02 11.84 -0.60
N GLY A 111 0.77 12.12 -1.64
CA GLY A 111 1.31 13.47 -1.87
C GLY A 111 0.35 14.29 -2.70
N LEU A 112 -0.89 14.43 -2.20
CA LEU A 112 -1.96 15.11 -2.94
C LEU A 112 -1.62 16.59 -3.12
N THR A 113 -1.01 17.24 -2.12
CA THR A 113 -0.60 18.67 -2.21
C THR A 113 0.33 18.84 -3.41
N ASN A 114 1.38 18.01 -3.45
CA ASN A 114 2.36 18.09 -4.57
C ASN A 114 1.65 17.79 -5.90
N ILE A 115 0.77 16.80 -5.96
CA ILE A 115 0.16 16.39 -7.25
C ILE A 115 -0.74 17.53 -7.71
N GLU A 116 -1.42 18.17 -6.78
CA GLU A 116 -2.36 19.28 -7.06
C GLU A 116 -1.55 20.44 -7.64
N ASN A 117 -0.44 20.81 -6.99
CA ASN A 117 0.41 21.95 -7.39
C ASN A 117 1.00 21.71 -8.80
N ASN A 118 1.41 20.48 -9.07
CA ASN A 118 1.95 20.08 -10.38
C ASN A 118 0.83 20.04 -11.40
N CYS A 119 -0.38 19.65 -11.01
CA CYS A 119 -1.52 19.65 -11.93
C CYS A 119 -1.83 21.11 -12.30
N ARG A 120 -1.74 22.06 -11.38
CA ARG A 120 -1.96 23.50 -11.69
C ARG A 120 -0.93 23.99 -12.72
N SER A 121 0.36 23.70 -12.49
CA SER A 121 1.47 23.95 -13.46
C SER A 121 1.14 23.36 -14.83
N LEU A 122 0.71 22.08 -14.89
CA LEU A 122 0.42 21.41 -16.17
C LEU A 122 -0.69 22.16 -16.90
N PHE A 123 -1.76 22.53 -16.21
CA PHE A 123 -3.00 23.05 -16.83
C PHE A 123 -2.81 24.50 -17.26
N GLU A 124 -2.14 25.30 -16.45
CA GLU A 124 -1.98 26.75 -16.68
C GLU A 124 -0.79 27.00 -17.60
N GLN A 125 0.23 26.15 -17.56
CA GLN A 125 1.49 26.47 -18.27
C GLN A 125 1.79 25.33 -19.23
N GLY A 126 2.06 24.16 -18.68
CA GLY A 126 2.37 23.02 -19.54
C GLY A 126 3.22 22.00 -18.81
N PRO A 127 3.44 20.86 -19.48
CA PRO A 127 4.20 19.78 -18.88
C PRO A 127 5.64 20.19 -18.61
N ARG A 128 6.15 21.23 -19.29
CA ARG A 128 7.57 21.63 -19.13
C ARG A 128 7.79 22.17 -17.73
N ARG A 129 6.71 22.57 -17.03
CA ARG A 129 6.83 23.15 -15.68
C ARG A 129 6.54 22.11 -14.59
N ILE A 130 6.28 20.86 -14.93
CA ILE A 130 6.14 19.79 -13.88
C ILE A 130 7.51 19.55 -13.26
N SER A 131 7.55 19.42 -11.94
CA SER A 131 8.82 19.16 -11.20
C SER A 131 9.43 17.84 -11.63
N PRO A 132 10.75 17.78 -11.83
CA PRO A 132 11.42 16.50 -12.03
C PRO A 132 11.21 15.50 -10.86
N PHE A 133 10.93 16.02 -9.67
CA PHE A 133 10.73 15.21 -8.44
C PHE A 133 9.23 14.88 -8.24
N PHE A 134 8.37 15.18 -9.22
CA PHE A 134 6.92 14.88 -9.13
C PHE A 134 6.64 13.45 -8.62
N VAL A 135 7.24 12.44 -9.24
CA VAL A 135 6.95 11.03 -8.90
C VAL A 135 7.60 10.66 -7.56
N PRO A 136 8.95 10.67 -7.39
CA PRO A 136 9.54 10.22 -6.14
C PRO A 136 9.22 11.14 -4.96
N GLY A 137 8.78 12.38 -5.21
CA GLY A 137 8.39 13.30 -4.10
C GLY A 137 6.91 13.19 -3.71
N SER A 138 6.13 12.34 -4.36
CA SER A 138 4.65 12.30 -4.15
C SER A 138 4.12 10.89 -3.88
N ILE A 139 4.69 9.85 -4.48
CA ILE A 139 4.04 8.50 -4.42
C ILE A 139 4.30 7.85 -3.04
N ILE A 140 3.39 6.98 -2.66
CA ILE A 140 3.19 6.60 -1.24
C ILE A 140 4.37 5.80 -0.70
N ASN A 141 4.99 4.97 -1.53
CA ASN A 141 6.07 4.06 -1.05
C ASN A 141 7.35 4.82 -0.70
N MET A 142 7.40 6.14 -0.85
CA MET A 142 8.70 6.84 -0.76
C MET A 142 9.03 7.27 0.67
N VAL A 143 8.12 7.12 1.65
CA VAL A 143 8.52 7.20 3.08
C VAL A 143 9.46 6.03 3.35
N SER A 144 8.96 4.82 3.08
CA SER A 144 9.78 3.58 3.22
C SER A 144 11.06 3.72 2.39
N GLY A 145 10.95 4.26 1.20
CA GLY A 145 12.09 4.40 0.28
C GLY A 145 13.14 5.33 0.86
N PHE A 146 12.78 6.59 1.15
CA PHE A 146 13.72 7.60 1.67
C PHE A 146 14.24 7.14 3.03
N LEU A 147 13.41 6.55 3.87
CA LEU A 147 13.91 6.20 5.22
C LEU A 147 15.03 5.17 5.05
N SER A 148 14.81 4.17 4.20
N SER A 148 14.79 4.17 4.20
CA SER A 148 15.80 3.10 3.94
CA SER A 148 15.76 3.09 3.85
C SER A 148 17.13 3.70 3.43
C SER A 148 17.10 3.72 3.43
N ILE A 149 17.05 4.72 2.56
CA ILE A 149 18.26 5.36 1.97
C ILE A 149 19.00 6.12 3.07
N HIS A 150 18.29 6.86 3.88
CA HIS A 150 18.93 7.65 4.98
C HIS A 150 19.55 6.75 6.06
N LEU A 151 18.92 5.63 6.46
CA LEU A 151 19.42 4.82 7.60
C LEU A 151 20.16 3.56 7.13
N GLY A 152 20.11 3.21 5.85
CA GLY A 152 20.76 2.01 5.28
C GLY A 152 19.99 0.74 5.61
N LEU A 153 18.64 0.80 5.60
CA LEU A 153 17.77 -0.35 5.92
C LEU A 153 17.60 -1.19 4.65
N GLN A 154 17.99 -2.46 4.69
CA GLN A 154 18.00 -3.32 3.48
C GLN A 154 16.95 -4.43 3.61
N GLY A 155 16.22 -4.48 4.71
CA GLY A 155 15.14 -5.48 4.89
C GLY A 155 13.91 -5.15 4.05
N PRO A 156 12.80 -5.89 4.27
CA PRO A 156 11.56 -5.67 3.53
C PRO A 156 11.17 -4.20 3.55
N ASN A 157 10.85 -3.69 2.38
CA ASN A 157 10.64 -2.25 2.15
C ASN A 157 9.35 -2.16 1.39
N TYR A 158 8.28 -1.71 2.05
CA TYR A 158 6.97 -1.61 1.35
C TYR A 158 6.10 -0.57 2.00
N ALA A 159 4.90 -0.43 1.46
CA ALA A 159 3.92 0.53 1.97
C ALA A 159 2.53 -0.03 1.72
N LEU A 160 1.68 0.10 2.72
CA LEU A 160 0.24 -0.19 2.59
C LEU A 160 -0.49 1.10 2.24
N THR A 161 -1.62 0.97 1.58
CA THR A 161 -2.57 2.09 1.45
C THR A 161 -3.96 1.49 1.60
N THR A 162 -4.55 1.60 2.79
CA THR A 162 -5.89 1.03 3.08
C THR A 162 -6.71 2.14 3.72
N ALA A 163 -6.64 3.32 3.14
CA ALA A 163 -7.44 4.49 3.56
C ALA A 163 -7.26 4.70 5.07
N GLN A 164 -8.33 4.84 5.82
CA GLN A 164 -8.26 5.21 7.24
C GLN A 164 -7.74 4.05 8.09
N THR A 165 -7.51 2.87 7.50
CA THR A 165 -7.00 1.68 8.26
C THR A 165 -5.49 1.53 8.04
N THR A 166 -4.89 2.38 7.23
CA THR A 166 -3.48 2.22 6.81
C THR A 166 -2.52 2.03 7.97
N GLY A 167 -2.54 2.90 8.99
CA GLY A 167 -1.54 2.83 10.06
C GLY A 167 -1.64 1.55 10.88
N THR A 168 -2.83 1.08 11.08
CA THR A 168 -3.08 -0.16 11.84
C THR A 168 -2.61 -1.37 11.03
N HIS A 169 -2.98 -1.46 9.76
CA HIS A 169 -2.51 -2.57 8.88
C HIS A 169 -0.98 -2.52 8.74
N SER A 170 -0.40 -1.33 8.62
CA SER A 170 1.05 -1.20 8.45
C SER A 170 1.75 -1.85 9.64
N ILE A 171 1.30 -1.51 10.85
CA ILE A 171 1.92 -2.03 12.08
C ILE A 171 1.69 -3.54 12.18
N GLY A 172 0.46 -4.02 11.97
CA GLY A 172 0.15 -5.44 12.07
C GLY A 172 0.96 -6.29 11.12
N MET A 173 1.02 -5.88 9.85
N MET A 173 1.06 -5.87 9.86
CA MET A 173 1.70 -6.65 8.79
CA MET A 173 1.73 -6.71 8.84
C MET A 173 3.21 -6.65 9.09
C MET A 173 3.25 -6.61 8.97
N ALA A 174 3.75 -5.50 9.51
CA ALA A 174 5.19 -5.40 9.92
C ALA A 174 5.45 -6.40 11.08
N ALA A 175 4.56 -6.49 12.07
CA ALA A 175 4.67 -7.46 13.16
C ALA A 175 4.66 -8.88 12.57
N ARG A 176 3.77 -9.19 11.65
CA ARG A 176 3.80 -10.53 11.00
C ARG A 176 5.16 -10.76 10.33
N ASN A 177 5.73 -9.78 9.66
CA ASN A 177 7.09 -9.96 9.05
C ASN A 177 8.07 -10.49 10.10
N ILE A 178 8.07 -9.87 11.27
CA ILE A 178 9.03 -10.20 12.35
C ILE A 178 8.65 -11.56 12.91
N ALA A 179 7.36 -11.77 13.13
CA ALA A 179 6.82 -13.02 13.72
C ALA A 179 7.27 -14.23 12.90
N TYR A 180 7.21 -14.12 11.58
CA TYR A 180 7.43 -15.24 10.63
C TYR A 180 8.91 -15.29 10.21
N GLY A 181 9.76 -14.40 10.70
CA GLY A 181 11.22 -14.49 10.46
C GLY A 181 11.70 -13.77 9.19
N GLU A 182 10.88 -12.93 8.58
CA GLU A 182 11.25 -12.19 7.34
C GLU A 182 12.12 -10.97 7.70
N ALA A 183 12.04 -10.51 8.96
CA ALA A 183 12.82 -9.38 9.50
C ALA A 183 12.91 -9.55 11.02
N ASP A 184 13.88 -8.89 11.62
CA ASP A 184 13.99 -8.85 13.10
C ASP A 184 13.49 -7.51 13.63
N VAL A 185 13.55 -6.47 12.79
CA VAL A 185 13.16 -5.09 13.19
C VAL A 185 12.41 -4.49 12.01
N MET A 186 11.30 -3.81 12.29
CA MET A 186 10.58 -3.05 11.26
C MET A 186 10.26 -1.69 11.83
N VAL A 187 10.40 -0.64 11.01
CA VAL A 187 9.81 0.67 11.34
C VAL A 187 8.44 0.74 10.64
N ALA A 188 7.35 0.95 11.35
CA ALA A 188 6.01 0.79 10.77
C ALA A 188 5.07 1.85 11.31
N GLY A 189 4.12 2.26 10.49
CA GLY A 189 3.19 3.31 10.84
C GLY A 189 2.66 3.95 9.59
N GLY A 190 2.37 5.23 9.68
CA GLY A 190 1.74 5.93 8.57
C GLY A 190 1.91 7.42 8.69
N SER A 191 1.61 8.10 7.59
CA SER A 191 1.72 9.58 7.52
C SER A 191 0.68 10.10 6.53
N GLU A 192 0.22 11.32 6.79
CA GLU A 192 -0.83 11.88 5.95
C GLU A 192 -0.74 13.37 6.00
N MET A 193 -0.94 14.01 4.85
N MET A 193 -0.94 14.00 4.84
CA MET A 193 -1.20 15.47 4.75
CA MET A 193 -1.16 15.46 4.69
C MET A 193 -2.13 15.69 3.56
C MET A 193 -2.13 15.66 3.54
N ALA A 194 -3.43 15.58 3.82
CA ALA A 194 -4.47 15.63 2.78
C ALA A 194 -5.15 17.00 2.79
N ALA A 195 -4.65 17.97 3.59
CA ALA A 195 -5.26 19.30 3.71
C ALA A 195 -4.75 20.21 2.59
N CYS A 196 -5.22 19.91 1.41
CA CYS A 196 -5.10 20.74 0.18
C CYS A 196 -6.52 20.91 -0.37
N GLY A 197 -6.70 21.73 -1.41
CA GLY A 197 -8.02 21.90 -2.04
C GLY A 197 -8.68 20.60 -2.46
N LEU A 198 -7.98 19.67 -3.11
CA LEU A 198 -8.63 18.40 -3.49
C LEU A 198 -9.06 17.63 -2.23
N GLY A 199 -8.25 17.61 -1.18
CA GLY A 199 -8.58 16.84 0.04
C GLY A 199 -9.80 17.41 0.77
N LEU A 200 -9.71 18.68 1.12
CA LEU A 200 -10.80 19.37 1.85
C LEU A 200 -12.03 19.44 0.95
N GLY A 201 -11.84 19.81 -0.32
CA GLY A 201 -12.91 19.84 -1.32
C GLY A 201 -13.53 18.48 -1.55
N GLY A 202 -12.73 17.43 -1.69
CA GLY A 202 -13.25 16.08 -1.99
C GLY A 202 -13.99 15.49 -0.81
N PHE A 203 -13.46 15.58 0.40
CA PHE A 203 -14.21 15.10 1.58
C PHE A 203 -15.46 15.98 1.79
N GLY A 204 -15.33 17.28 1.48
CA GLY A 204 -16.45 18.23 1.54
C GLY A 204 -17.57 17.88 0.56
N ALA A 205 -17.22 17.53 -0.66
CA ALA A 205 -18.19 17.14 -1.70
C ALA A 205 -18.95 15.89 -1.29
N ALA A 206 -18.33 15.02 -0.47
CA ALA A 206 -18.98 13.79 0.10
C ALA A 206 -19.76 14.13 1.36
N ARG A 207 -19.73 15.38 1.81
CA ARG A 207 -20.40 15.86 3.03
C ARG A 207 -20.01 14.97 4.21
N ALA A 208 -18.75 14.49 4.23
CA ALA A 208 -18.18 13.59 5.26
C ALA A 208 -17.65 14.41 6.45
N LEU A 209 -17.33 15.70 6.26
CA LEU A 209 -16.61 16.51 7.28
C LEU A 209 -17.58 17.26 8.18
N SER A 210 -17.23 17.46 9.44
CA SER A 210 -17.92 18.47 10.29
C SER A 210 -17.81 19.84 9.62
N THR A 211 -18.89 20.64 9.69
CA THR A 211 -18.92 22.03 9.19
C THR A 211 -19.04 22.99 10.37
N ARG A 212 -18.57 22.59 11.56
CA ARG A 212 -18.62 23.46 12.76
C ARG A 212 -17.53 24.54 12.71
N ASN A 213 -17.52 25.37 11.68
CA ASN A 213 -16.42 26.32 11.38
C ASN A 213 -16.27 27.33 12.52
N ASP A 214 -17.38 27.67 13.17
CA ASP A 214 -17.41 28.73 14.19
C ASP A 214 -17.00 28.19 15.56
N GLU A 215 -16.70 26.90 15.69
CA GLU A 215 -16.24 26.36 16.99
C GLU A 215 -15.42 25.11 16.72
N PRO A 216 -14.26 25.23 16.02
CA PRO A 216 -13.50 24.04 15.61
C PRO A 216 -13.10 23.06 16.70
N THR A 217 -12.81 23.54 17.91
CA THR A 217 -12.31 22.63 18.99
C THR A 217 -13.45 21.73 19.44
N ARG A 218 -14.71 22.07 19.17
CA ARG A 218 -15.86 21.26 19.63
C ARG A 218 -16.39 20.40 18.47
N ALA A 219 -15.75 20.48 17.30
CA ALA A 219 -16.27 19.84 16.07
C ALA A 219 -16.22 18.31 16.22
N SER A 220 -15.09 17.78 16.65
CA SER A 220 -14.83 16.33 16.80
C SER A 220 -15.43 15.87 18.14
N ARG A 221 -16.55 15.15 18.08
CA ARG A 221 -17.39 14.82 19.26
C ARG A 221 -17.92 13.40 19.07
N PRO A 222 -17.00 12.41 19.07
CA PRO A 222 -17.38 11.01 18.92
C PRO A 222 -18.47 10.60 19.94
N TRP A 223 -19.51 9.99 19.42
CA TRP A 223 -20.69 9.43 20.15
C TRP A 223 -21.57 10.55 20.72
N ASP A 224 -21.24 11.82 20.51
CA ASP A 224 -22.11 12.94 20.95
C ASP A 224 -23.30 13.06 19.99
N ARG A 225 -24.51 13.34 20.50
CA ARG A 225 -25.72 13.37 19.63
C ARG A 225 -25.60 14.51 18.61
N ASP A 226 -24.76 15.53 18.83
CA ASP A 226 -24.62 16.72 17.96
C ASP A 226 -23.42 16.58 16.99
N ARG A 227 -22.84 15.39 16.85
CA ARG A 227 -21.72 15.19 15.89
C ARG A 227 -22.24 15.30 14.45
N ASP A 228 -21.38 15.75 13.55
CA ASP A 228 -21.76 16.05 12.15
C ASP A 228 -20.62 15.72 11.20
N GLY A 229 -19.78 14.73 11.55
CA GLY A 229 -18.74 14.26 10.63
C GLY A 229 -17.33 14.43 11.18
N PHE A 230 -16.36 13.92 10.45
CA PHE A 230 -14.98 13.86 10.97
C PHE A 230 -14.30 15.20 10.74
N VAL A 231 -13.20 15.36 11.47
CA VAL A 231 -12.29 16.51 11.35
C VAL A 231 -11.02 16.00 10.70
N LEU A 232 -10.58 16.68 9.66
CA LEU A 232 -9.42 16.25 8.85
C LEU A 232 -8.16 16.76 9.54
N SER A 233 -7.21 15.85 9.76
CA SER A 233 -5.97 16.13 10.50
C SER A 233 -4.76 15.51 9.80
N ASP A 234 -3.62 16.09 10.12
CA ASP A 234 -2.34 15.78 9.46
C ASP A 234 -1.37 15.22 10.50
N GLY A 235 -0.41 14.44 10.02
CA GLY A 235 0.78 14.09 10.80
C GLY A 235 1.23 12.68 10.50
N SER A 236 1.80 12.03 11.51
N SER A 236 1.91 12.04 11.47
CA SER A 236 2.55 10.75 11.33
CA SER A 236 2.55 10.73 11.28
C SER A 236 2.75 10.06 12.66
C SER A 236 2.82 10.06 12.63
N GLY A 237 2.74 8.72 12.64
CA GLY A 237 3.18 7.88 13.74
C GLY A 237 4.11 6.83 13.17
N ALA A 238 5.17 6.54 13.89
CA ALA A 238 6.08 5.44 13.56
C ALA A 238 6.43 4.70 14.85
N LEU A 239 6.50 3.38 14.75
CA LEU A 239 6.96 2.49 15.83
C LEU A 239 8.08 1.61 15.30
N VAL A 240 9.06 1.39 16.18
CA VAL A 240 10.06 0.33 15.95
C VAL A 240 9.52 -0.95 16.59
N LEU A 241 9.21 -1.92 15.75
CA LEU A 241 8.78 -3.27 16.14
C LEU A 241 10.04 -4.14 16.08
N GLU A 242 10.19 -5.05 17.04
CA GLU A 242 11.45 -5.78 17.21
C GLU A 242 11.12 -7.17 17.74
N GLU A 243 11.75 -8.16 17.18
CA GLU A 243 11.61 -9.52 17.73
C GLU A 243 12.06 -9.48 19.21
N LEU A 244 11.37 -10.22 20.09
CA LEU A 244 11.56 -10.16 21.56
C LEU A 244 13.00 -10.50 21.96
N GLU A 245 13.54 -11.60 21.44
CA GLU A 245 14.89 -12.09 21.86
C GLU A 245 15.94 -11.12 21.32
N HIS A 246 15.71 -10.51 20.15
CA HIS A 246 16.61 -9.47 19.58
C HIS A 246 16.59 -8.28 20.52
N ALA A 247 15.42 -7.86 21.02
CA ALA A 247 15.31 -6.71 21.94
C ALA A 247 16.02 -7.05 23.25
N ARG A 248 15.83 -8.28 23.73
CA ARG A 248 16.38 -8.70 25.03
C ARG A 248 17.90 -8.72 24.94
N ALA A 249 18.42 -9.21 23.81
CA ALA A 249 19.86 -9.45 23.56
C ALA A 249 20.60 -8.11 23.62
N ARG A 250 19.99 -7.04 23.14
CA ARG A 250 20.66 -5.72 23.09
C ARG A 250 20.27 -4.86 24.30
N GLY A 251 19.49 -5.36 25.24
CA GLY A 251 19.04 -4.59 26.43
C GLY A 251 18.10 -3.45 26.06
N ALA A 252 17.21 -3.66 25.09
CA ALA A 252 16.32 -2.57 24.64
C ALA A 252 15.35 -2.26 25.76
N ARG A 253 14.93 -1.00 25.85
CA ARG A 253 13.73 -0.63 26.63
C ARG A 253 12.51 -1.11 25.84
N ILE A 254 11.67 -1.94 26.45
CA ILE A 254 10.42 -2.43 25.81
C ILE A 254 9.23 -1.67 26.39
N TYR A 255 8.48 -0.99 25.53
CA TYR A 255 7.26 -0.27 25.95
C TYR A 255 6.12 -1.25 26.23
N ALA A 256 5.93 -2.24 25.37
CA ALA A 256 4.77 -3.16 25.41
C ALA A 256 4.99 -4.24 24.37
N GLU A 257 4.20 -5.30 24.45
CA GLU A 257 4.24 -6.38 23.44
C GLU A 257 3.04 -6.23 22.52
N LEU A 258 3.24 -6.44 21.22
N LEU A 258 3.22 -6.53 21.24
CA LEU A 258 2.15 -6.56 20.23
CA LEU A 258 2.16 -6.57 20.21
C LEU A 258 1.78 -8.05 20.17
C LEU A 258 1.73 -8.03 20.07
N VAL A 259 0.61 -8.40 20.72
CA VAL A 259 0.18 -9.82 20.85
C VAL A 259 -0.86 -10.24 19.84
N GLY A 260 -1.56 -9.31 19.18
CA GLY A 260 -2.70 -9.64 18.31
C GLY A 260 -2.85 -8.67 17.17
N PHE A 261 -3.27 -9.21 16.04
CA PHE A 261 -3.62 -8.44 14.85
C PHE A 261 -4.76 -9.13 14.13
N GLY A 262 -5.76 -8.33 13.82
CA GLY A 262 -6.91 -8.79 13.03
C GLY A 262 -7.14 -7.87 11.88
N MET A 263 -7.57 -8.50 10.80
CA MET A 263 -8.12 -7.82 9.64
C MET A 263 -9.43 -8.55 9.30
N SER A 264 -10.30 -7.81 8.66
CA SER A 264 -11.52 -8.37 8.05
C SER A 264 -11.97 -7.35 7.03
N GLY A 265 -12.70 -7.78 6.02
CA GLY A 265 -13.50 -6.87 5.18
C GLY A 265 -14.96 -6.95 5.55
N ASP A 266 -15.63 -5.81 5.57
CA ASP A 266 -17.10 -5.71 5.77
C ASP A 266 -17.82 -6.35 4.58
N ALA A 267 -17.33 -6.10 3.37
CA ALA A 267 -18.00 -6.50 2.10
C ALA A 267 -19.41 -5.90 2.10
N PHE A 268 -19.55 -4.67 2.60
CA PHE A 268 -20.87 -3.99 2.79
C PHE A 268 -21.00 -2.82 1.80
N HIS A 269 -20.16 -1.81 1.92
CA HIS A 269 -20.37 -0.53 1.19
C HIS A 269 -19.02 0.16 0.96
N MET A 270 -18.87 0.90 -0.14
CA MET A 270 -17.62 1.62 -0.47
C MET A 270 -17.19 2.54 0.67
N THR A 271 -18.10 3.22 1.36
CA THR A 271 -17.74 4.26 2.35
C THR A 271 -18.47 4.09 3.69
N ALA A 272 -19.70 3.57 3.70
CA ALA A 272 -20.52 3.46 4.93
C ALA A 272 -20.17 2.18 5.68
N PRO A 273 -20.06 2.22 7.02
CA PRO A 273 -19.95 0.98 7.80
C PRO A 273 -21.32 0.38 8.03
N PRO A 274 -21.47 -0.94 8.16
CA PRO A 274 -22.78 -1.50 8.47
C PRO A 274 -23.18 -1.04 9.89
N GLU A 275 -24.45 -0.70 10.10
CA GLU A 275 -25.02 -0.19 11.38
C GLU A 275 -24.68 -1.09 12.58
N ASP A 276 -24.62 -2.40 12.38
CA ASP A 276 -24.43 -3.42 13.45
C ASP A 276 -22.94 -3.65 13.74
N GLY A 277 -22.03 -3.02 12.98
CA GLY A 277 -20.58 -3.18 13.18
C GLY A 277 -20.09 -4.61 12.97
N ALA A 278 -20.74 -5.38 12.08
CA ALA A 278 -20.45 -6.82 11.91
C ALA A 278 -18.99 -7.03 11.49
N GLY A 279 -18.45 -6.21 10.57
CA GLY A 279 -17.06 -6.37 10.10
C GLY A 279 -16.06 -6.02 11.19
N ALA A 280 -16.31 -4.96 11.93
CA ALA A 280 -15.50 -4.53 13.11
C ALA A 280 -15.46 -5.64 14.17
N ALA A 281 -16.62 -6.28 14.40
CA ALA A 281 -16.72 -7.38 15.38
C ALA A 281 -15.89 -8.56 14.88
N ARG A 282 -16.01 -8.94 13.61
CA ARG A 282 -15.23 -10.08 13.06
C ARG A 282 -13.73 -9.77 13.23
N CYS A 283 -13.35 -8.53 12.91
CA CYS A 283 -11.93 -8.09 13.00
C CYS A 283 -11.42 -8.16 14.44
N MET A 284 -12.18 -7.67 15.42
CA MET A 284 -11.72 -7.72 16.82
C MET A 284 -11.62 -9.16 17.30
N LYS A 285 -12.60 -9.97 16.95
CA LYS A 285 -12.58 -11.39 17.39
C LYS A 285 -11.37 -12.09 16.78
N ASN A 286 -11.04 -11.83 15.52
CA ASN A 286 -9.81 -12.36 14.88
C ASN A 286 -8.59 -11.95 15.71
N ALA A 287 -8.49 -10.65 16.07
CA ALA A 287 -7.34 -10.11 16.81
C ALA A 287 -7.25 -10.76 18.21
N LEU A 288 -8.38 -10.96 18.89
CA LEU A 288 -8.37 -11.49 20.27
C LEU A 288 -7.95 -12.97 20.24
N ARG A 289 -8.44 -13.72 19.25
CA ARG A 289 -8.05 -15.14 19.06
C ARG A 289 -6.56 -15.20 18.72
N ASP A 290 -6.08 -14.31 17.85
CA ASP A 290 -4.66 -14.20 17.47
C ASP A 290 -3.81 -13.98 18.72
N ALA A 291 -4.31 -13.24 19.70
CA ALA A 291 -3.58 -12.90 20.94
C ALA A 291 -3.77 -14.00 22.01
N GLY A 292 -4.58 -15.03 21.76
CA GLY A 292 -4.83 -16.11 22.74
C GLY A 292 -5.50 -15.57 23.99
N LEU A 293 -6.44 -14.63 23.84
CA LEU A 293 -7.02 -13.91 24.98
C LEU A 293 -8.48 -14.34 25.19
N ASP A 294 -8.89 -14.31 26.46
CA ASP A 294 -10.28 -14.12 26.92
C ASP A 294 -10.67 -12.67 26.60
N PRO A 295 -11.77 -12.38 25.89
CA PRO A 295 -12.20 -10.98 25.69
C PRO A 295 -12.28 -10.19 26.99
N ARG A 296 -12.53 -10.85 28.14
CA ARG A 296 -12.64 -10.12 29.44
C ARG A 296 -11.28 -9.55 29.88
N GLN A 297 -10.17 -9.92 29.22
CA GLN A 297 -8.83 -9.37 29.56
C GLN A 297 -8.70 -7.95 29.02
N VAL A 298 -9.52 -7.56 28.06
CA VAL A 298 -9.38 -6.21 27.44
C VAL A 298 -9.78 -5.14 28.47
N ASP A 299 -8.86 -4.20 28.75
CA ASP A 299 -9.09 -3.11 29.72
C ASP A 299 -9.44 -1.81 28.99
N TYR A 300 -8.81 -1.53 27.86
CA TYR A 300 -8.89 -0.20 27.19
C TYR A 300 -8.99 -0.43 25.68
N ILE A 301 -9.89 0.32 25.04
CA ILE A 301 -10.00 0.31 23.56
C ILE A 301 -9.79 1.76 23.10
N ASN A 302 -8.79 1.97 22.27
CA ASN A 302 -8.68 3.22 21.50
C ASN A 302 -9.55 3.01 20.29
N ALA A 303 -10.77 3.54 20.31
CA ALA A 303 -11.73 3.36 19.20
C ALA A 303 -11.24 4.05 17.91
N HIS A 304 -11.81 3.67 16.78
CA HIS A 304 -11.68 4.48 15.55
C HIS A 304 -12.33 5.84 15.86
N GLY A 305 -13.61 5.83 16.26
CA GLY A 305 -14.27 6.97 16.90
C GLY A 305 -14.14 8.26 16.07
N THR A 306 -14.60 8.25 14.83
CA THR A 306 -14.31 9.36 13.87
C THR A 306 -15.24 10.57 14.05
N SER A 307 -16.34 10.45 14.80
CA SER A 307 -17.34 11.53 14.95
C SER A 307 -18.27 11.60 13.73
N THR A 308 -18.41 10.51 13.00
CA THR A 308 -19.50 10.36 11.99
C THR A 308 -20.68 9.72 12.69
N PRO A 309 -21.90 10.10 12.28
CA PRO A 309 -23.10 9.46 12.84
C PRO A 309 -23.05 7.93 12.74
N ALA A 310 -22.82 7.37 11.57
CA ALA A 310 -22.98 5.91 11.39
C ALA A 310 -21.76 5.18 11.97
N GLY A 311 -20.55 5.70 11.74
CA GLY A 311 -19.30 5.03 12.21
C GLY A 311 -19.28 4.82 13.72
N ASP A 312 -19.55 5.87 14.50
CA ASP A 312 -19.49 5.87 15.98
C ASP A 312 -20.48 4.82 16.53
N ILE A 313 -21.70 4.77 16.03
CA ILE A 313 -22.73 3.83 16.58
C ILE A 313 -22.38 2.41 16.14
N ALA A 314 -21.89 2.20 14.92
CA ALA A 314 -21.43 0.86 14.48
C ALA A 314 -20.38 0.34 15.46
N GLU A 315 -19.48 1.19 15.96
CA GLU A 315 -18.40 0.76 16.88
C GLU A 315 -18.96 0.36 18.22
N ILE A 316 -19.98 1.08 18.71
CA ILE A 316 -20.63 0.65 20.00
C ILE A 316 -21.20 -0.76 19.79
N ALA A 317 -21.94 -0.94 18.71
CA ALA A 317 -22.63 -2.22 18.41
C ALA A 317 -21.59 -3.34 18.37
N ALA A 318 -20.46 -3.11 17.69
CA ALA A 318 -19.40 -4.14 17.54
C ALA A 318 -18.80 -4.50 18.90
N VAL A 319 -18.48 -3.50 19.72
CA VAL A 319 -17.87 -3.73 21.05
C VAL A 319 -18.88 -4.48 21.94
N LYS A 320 -20.15 -4.09 21.94
CA LYS A 320 -21.18 -4.84 22.72
C LYS A 320 -21.28 -6.29 22.21
N SER A 321 -21.23 -6.51 20.91
CA SER A 321 -21.34 -7.87 20.33
C SER A 321 -20.11 -8.71 20.74
N VAL A 322 -18.90 -8.15 20.74
CA VAL A 322 -17.65 -8.91 21.00
C VAL A 322 -17.51 -9.15 22.51
N PHE A 323 -17.83 -8.17 23.32
CA PHE A 323 -17.46 -8.21 24.75
C PHE A 323 -18.64 -8.54 25.67
N GLY A 324 -19.87 -8.52 25.17
CA GLY A 324 -21.05 -8.81 26.00
C GLY A 324 -21.03 -8.00 27.28
N GLU A 325 -21.25 -8.63 28.43
CA GLU A 325 -21.40 -7.84 29.68
C GLU A 325 -20.06 -7.14 29.97
N HIS A 326 -18.94 -7.70 29.54
CA HIS A 326 -17.64 -7.04 29.77
C HIS A 326 -17.53 -5.69 29.02
N ALA A 327 -18.41 -5.41 28.06
CA ALA A 327 -18.43 -4.11 27.36
C ALA A 327 -18.60 -2.96 28.34
N HIS A 328 -19.26 -3.23 29.47
CA HIS A 328 -19.59 -2.26 30.53
C HIS A 328 -18.44 -2.12 31.52
N ALA A 329 -17.38 -2.93 31.47
CA ALA A 329 -16.26 -2.89 32.44
C ALA A 329 -15.01 -2.25 31.81
N LEU A 330 -14.73 -2.54 30.54
CA LEU A 330 -13.59 -1.91 29.85
C LEU A 330 -13.85 -0.40 29.71
N SER A 331 -12.81 0.37 29.37
CA SER A 331 -12.92 1.80 28.97
C SER A 331 -12.61 1.91 27.48
N MET A 332 -13.38 2.71 26.78
CA MET A 332 -13.18 2.94 25.34
C MET A 332 -13.19 4.44 25.12
N SER A 333 -12.18 4.97 24.46
CA SER A 333 -12.18 6.42 24.14
C SER A 333 -11.73 6.64 22.71
N SER A 334 -12.08 7.81 22.20
CA SER A 334 -11.63 8.27 20.88
C SER A 334 -10.72 9.48 21.09
N THR A 335 -9.44 9.27 20.83
CA THR A 335 -8.45 10.38 20.88
C THR A 335 -8.67 11.30 19.67
N LYS A 336 -9.42 10.87 18.64
CA LYS A 336 -9.82 11.79 17.54
C LYS A 336 -10.66 12.96 18.08
N SER A 337 -11.26 12.85 19.25
CA SER A 337 -11.95 13.98 19.92
C SER A 337 -10.98 15.17 20.05
N MET A 338 -9.69 14.93 20.19
CA MET A 338 -8.63 15.95 20.37
C MET A 338 -7.77 16.12 19.11
N THR A 339 -7.37 15.02 18.46
CA THR A 339 -6.40 15.07 17.33
C THR A 339 -7.10 15.29 15.98
N GLY A 340 -8.40 15.00 15.89
CA GLY A 340 -9.08 14.78 14.62
C GLY A 340 -8.58 13.51 13.97
N HIS A 341 -8.98 13.30 12.74
CA HIS A 341 -8.77 12.05 11.96
C HIS A 341 -7.57 12.22 11.04
N LEU A 342 -6.46 11.57 11.40
CA LEU A 342 -5.21 11.62 10.59
C LEU A 342 -5.24 10.60 9.47
N LEU A 343 -6.39 10.01 9.20
CA LEU A 343 -6.63 9.21 7.99
C LEU A 343 -5.62 8.06 8.03
N GLY A 344 -4.74 7.95 7.03
CA GLY A 344 -3.77 6.83 7.02
C GLY A 344 -2.81 6.83 8.19
N ALA A 345 -2.60 7.97 8.85
CA ALA A 345 -1.75 8.07 10.06
C ALA A 345 -2.57 7.80 11.33
N ALA A 346 -3.90 7.76 11.30
CA ALA A 346 -4.74 7.61 12.53
C ALA A 346 -4.35 6.35 13.32
N GLY A 347 -4.23 5.21 12.65
CA GLY A 347 -3.93 3.95 13.34
C GLY A 347 -2.54 3.97 13.92
N ALA A 348 -1.64 4.73 13.31
CA ALA A 348 -0.24 4.79 13.79
C ALA A 348 -0.18 5.64 15.08
N VAL A 349 -0.76 6.85 15.09
CA VAL A 349 -0.70 7.68 16.31
C VAL A 349 -1.50 6.99 17.42
N GLU A 350 -2.61 6.33 17.07
CA GLU A 350 -3.50 5.69 18.07
C GLU A 350 -2.84 4.44 18.65
N ALA A 351 -2.06 3.71 17.86
CA ALA A 351 -1.25 2.59 18.39
C ALA A 351 -0.31 3.14 19.44
N ILE A 352 0.30 4.30 19.16
CA ILE A 352 1.24 4.92 20.13
C ILE A 352 0.47 5.29 21.40
N PHE A 353 -0.70 5.89 21.25
CA PHE A 353 -1.50 6.31 22.42
C PHE A 353 -1.91 5.07 23.23
N SER A 354 -2.19 3.95 22.55
CA SER A 354 -2.56 2.69 23.23
C SER A 354 -1.37 2.17 24.04
N VAL A 355 -0.18 2.22 23.47
CA VAL A 355 1.04 1.78 24.19
C VAL A 355 1.28 2.69 25.39
N LEU A 356 1.08 4.00 25.26
CA LEU A 356 1.30 4.95 26.38
C LEU A 356 0.19 4.76 27.41
N ALA A 357 -1.02 4.36 27.00
CA ALA A 357 -2.10 4.03 27.95
C ALA A 357 -1.61 2.89 28.87
N LEU A 358 -0.94 1.91 28.26
CA LEU A 358 -0.35 0.78 29.00
C LEU A 358 0.80 1.28 29.89
N ARG A 359 1.70 2.12 29.39
CA ARG A 359 2.87 2.59 30.18
C ARG A 359 2.38 3.37 31.40
N ASP A 360 1.40 4.25 31.22
CA ASP A 360 1.00 5.24 32.26
C ASP A 360 -0.25 4.79 33.04
N GLN A 361 -0.89 3.69 32.67
CA GLN A 361 -2.12 3.15 33.33
C GLN A 361 -3.18 4.23 33.39
N VAL A 362 -3.53 4.78 32.22
CA VAL A 362 -4.54 5.85 32.10
C VAL A 362 -5.22 5.69 30.75
N ALA A 363 -6.54 5.79 30.77
CA ALA A 363 -7.41 5.88 29.59
C ALA A 363 -7.52 7.34 29.21
N PRO A 364 -7.04 7.70 28.00
CA PRO A 364 -7.28 9.05 27.49
C PRO A 364 -8.76 9.36 27.38
N PRO A 365 -9.16 10.66 27.50
CA PRO A 365 -10.55 11.06 27.42
C PRO A 365 -11.08 11.11 25.98
N THR A 366 -12.39 10.94 25.85
CA THR A 366 -13.14 11.42 24.68
C THR A 366 -13.63 12.81 25.07
N ILE A 367 -12.97 13.88 24.62
CA ILE A 367 -13.49 15.24 24.90
C ILE A 367 -14.75 15.46 24.06
N ASN A 368 -15.52 16.46 24.48
CA ASN A 368 -16.71 16.97 23.76
C ASN A 368 -17.89 16.01 23.85
N LEU A 369 -17.81 14.96 24.67
CA LEU A 369 -18.92 13.97 24.82
C LEU A 369 -19.91 14.53 25.87
N ASP A 370 -20.65 15.55 25.47
CA ASP A 370 -21.56 16.30 26.37
C ASP A 370 -22.87 15.54 26.50
N ASN A 371 -23.39 14.98 25.41
CA ASN A 371 -24.70 14.28 25.38
C ASN A 371 -24.53 13.01 24.57
N PRO A 372 -24.12 11.89 25.23
CA PRO A 372 -23.96 10.63 24.54
C PRO A 372 -25.24 10.25 23.78
N ASP A 373 -25.08 9.76 22.56
CA ASP A 373 -26.23 9.45 21.67
C ASP A 373 -26.91 8.17 22.17
N GLU A 374 -28.06 7.84 21.57
CA GLU A 374 -28.83 6.62 21.88
C GLU A 374 -27.89 5.40 21.79
N GLY A 375 -27.88 4.59 22.85
CA GLY A 375 -27.13 3.32 22.94
C GLY A 375 -25.64 3.53 23.23
N CYS A 376 -25.15 4.77 23.27
CA CYS A 376 -23.71 5.08 23.54
C CYS A 376 -23.48 5.14 25.05
N ASP A 377 -23.70 4.01 25.73
CA ASP A 377 -23.86 3.97 27.22
C ASP A 377 -22.74 3.13 27.84
N LEU A 378 -21.62 2.94 27.13
CA LEU A 378 -20.38 2.35 27.68
C LEU A 378 -19.58 3.42 28.44
N ASP A 379 -18.55 2.97 29.13
CA ASP A 379 -17.52 3.89 29.67
C ASP A 379 -16.71 4.43 28.48
N LEU A 380 -17.05 5.62 27.99
CA LEU A 380 -16.38 6.31 26.86
C LEU A 380 -15.39 7.38 27.36
N VAL A 381 -15.09 7.37 28.66
CA VAL A 381 -14.08 8.23 29.33
C VAL A 381 -14.39 9.68 28.94
N ALA A 382 -15.67 10.06 29.06
CA ALA A 382 -16.11 11.43 28.71
C ALA A 382 -15.25 12.48 29.44
N HIS A 383 -14.78 13.46 28.71
CA HIS A 383 -14.22 14.77 29.20
C HIS A 383 -12.81 14.67 29.79
N GLU A 384 -12.53 13.71 30.66
CA GLU A 384 -11.30 13.71 31.50
C GLU A 384 -10.65 12.33 31.48
N ALA A 385 -9.33 12.32 31.44
CA ALA A 385 -8.49 11.10 31.44
C ALA A 385 -8.85 10.27 32.68
N LYS A 386 -8.86 8.95 32.57
CA LYS A 386 -9.25 8.09 33.71
C LYS A 386 -8.11 7.16 34.06
N PRO A 387 -7.37 7.41 35.18
CA PRO A 387 -6.40 6.44 35.67
C PRO A 387 -7.10 5.11 35.96
N ARG A 388 -6.52 4.00 35.53
CA ARG A 388 -7.11 2.65 35.73
C ARG A 388 -6.10 1.58 35.37
N LYS A 389 -6.42 0.37 35.80
CA LYS A 389 -5.64 -0.82 35.44
C LYS A 389 -5.86 -1.11 33.96
N ILE A 390 -4.75 -1.22 33.23
CA ILE A 390 -4.76 -1.57 31.79
C ILE A 390 -3.66 -2.58 31.59
N ASP A 391 -4.03 -3.84 31.45
CA ASP A 391 -3.05 -4.87 31.05
C ASP A 391 -3.10 -5.09 29.54
N VAL A 392 -4.29 -5.01 28.95
CA VAL A 392 -4.50 -5.26 27.49
C VAL A 392 -5.22 -4.05 26.91
N ALA A 393 -4.67 -3.51 25.83
CA ALA A 393 -5.24 -2.39 25.09
C ALA A 393 -5.43 -2.81 23.64
N LEU A 394 -6.56 -2.41 23.06
N LEU A 394 -6.62 -2.52 23.10
CA LEU A 394 -6.94 -2.72 21.66
CA LEU A 394 -6.94 -2.66 21.65
C LEU A 394 -7.10 -1.39 20.91
C LEU A 394 -6.82 -1.29 20.99
N SER A 395 -6.54 -1.27 19.70
CA SER A 395 -6.67 -0.08 18.82
C SER A 395 -7.40 -0.52 17.55
N ASN A 396 -8.53 0.12 17.25
CA ASN A 396 -9.36 -0.23 16.07
C ASN A 396 -9.25 0.85 15.00
N SER A 397 -9.27 0.41 13.77
CA SER A 397 -9.40 1.28 12.59
C SER A 397 -10.36 0.60 11.60
N PHE A 398 -11.15 1.43 10.91
N PHE A 398 -11.23 1.38 10.97
CA PHE A 398 -12.11 1.04 9.85
CA PHE A 398 -11.98 0.94 9.77
C PHE A 398 -11.99 2.04 8.70
C PHE A 398 -11.78 1.98 8.68
N GLY A 399 -12.06 1.60 7.44
CA GLY A 399 -11.81 2.48 6.31
C GLY A 399 -12.73 2.25 5.17
N PHE A 400 -12.72 3.20 4.24
CA PHE A 400 -13.32 3.00 2.91
C PHE A 400 -12.90 1.64 2.36
N GLY A 401 -13.85 1.02 1.66
CA GLY A 401 -13.70 -0.31 1.08
C GLY A 401 -14.11 -1.38 2.06
N GLY A 402 -14.60 -0.99 3.23
CA GLY A 402 -14.98 -1.93 4.30
C GLY A 402 -13.77 -2.58 4.96
N THR A 403 -12.62 -1.91 4.99
N THR A 403 -12.64 -1.88 4.91
CA THR A 403 -11.35 -2.51 5.48
CA THR A 403 -11.36 -2.32 5.52
C THR A 403 -11.15 -2.19 6.96
C THR A 403 -11.50 -2.25 7.04
N ASN A 404 -10.97 -3.25 7.75
CA ASN A 404 -10.91 -3.21 9.23
C ASN A 404 -9.55 -3.74 9.70
N GLY A 405 -9.03 -3.11 10.74
CA GLY A 405 -7.81 -3.57 11.42
C GLY A 405 -7.96 -3.42 12.91
N THR A 406 -7.42 -4.37 13.65
CA THR A 406 -7.37 -4.28 15.12
C THR A 406 -5.96 -4.67 15.56
N LEU A 407 -5.37 -3.88 16.44
CA LEU A 407 -4.14 -4.27 17.13
C LEU A 407 -4.38 -4.49 18.63
N VAL A 408 -3.75 -5.54 19.15
CA VAL A 408 -3.81 -5.90 20.59
C VAL A 408 -2.40 -5.77 21.17
N PHE A 409 -2.28 -4.88 22.13
CA PHE A 409 -1.03 -4.64 22.88
C PHE A 409 -1.23 -5.12 24.32
N ARG A 410 -0.15 -5.53 24.97
CA ARG A 410 -0.21 -5.82 26.43
C ARG A 410 1.10 -5.43 27.09
N ARG A 411 1.01 -5.21 28.40
CA ARG A 411 2.16 -4.89 29.24
C ARG A 411 3.18 -6.03 29.10
N PHE A 412 4.44 -5.65 29.01
CA PHE A 412 5.56 -6.63 29.04
C PHE A 412 6.33 -6.51 30.36
N ALA A 413 6.63 -7.64 30.99
CA ALA A 413 7.38 -7.78 32.28
C ALA A 413 8.82 -8.25 32.04
N SER B 2 6.04 -24.84 10.32
CA SER B 2 5.80 -25.24 8.90
C SER B 2 4.76 -24.32 8.22
N ARG B 3 4.54 -24.53 6.93
CA ARG B 3 3.92 -23.57 5.97
C ARG B 3 3.07 -24.35 4.96
N ARG B 4 1.94 -23.83 4.53
CA ARG B 4 1.12 -24.50 3.49
C ARG B 4 1.61 -24.09 2.08
N ARG B 5 1.31 -24.94 1.12
CA ARG B 5 1.68 -24.70 -0.28
C ARG B 5 0.61 -23.85 -0.96
N VAL B 6 1.06 -23.00 -1.85
CA VAL B 6 0.20 -22.00 -2.53
C VAL B 6 0.27 -22.24 -4.04
N VAL B 7 -0.87 -22.40 -4.67
CA VAL B 7 -0.91 -22.60 -6.13
C VAL B 7 -1.73 -21.48 -6.79
N ILE B 8 -1.56 -21.35 -8.12
CA ILE B 8 -2.28 -20.36 -8.95
C ILE B 8 -3.40 -21.09 -9.71
N THR B 9 -4.65 -20.72 -9.49
CA THR B 9 -5.83 -21.44 -10.04
C THR B 9 -6.64 -20.54 -10.99
N GLY B 10 -6.29 -19.27 -11.10
CA GLY B 10 -7.05 -18.33 -11.94
C GLY B 10 -6.19 -17.11 -12.28
N MET B 11 -6.29 -16.62 -13.50
CA MET B 11 -5.54 -15.41 -13.90
C MET B 11 -6.44 -14.52 -14.75
N GLY B 12 -6.15 -13.23 -14.71
CA GLY B 12 -6.94 -12.17 -15.36
C GLY B 12 -6.07 -10.99 -15.72
N MET B 13 -6.37 -10.33 -16.82
CA MET B 13 -5.43 -9.29 -17.31
C MET B 13 -6.14 -8.31 -18.24
N LEU B 14 -5.73 -7.04 -18.16
CA LEU B 14 -5.82 -6.07 -19.27
C LEU B 14 -4.40 -5.60 -19.58
N SER B 15 -4.04 -5.57 -20.85
CA SER B 15 -2.68 -5.09 -21.20
C SER B 15 -2.76 -4.33 -22.53
N PRO B 16 -1.65 -3.70 -22.93
CA PRO B 16 -1.55 -3.09 -24.24
C PRO B 16 -1.63 -4.13 -25.39
N LEU B 17 -1.54 -5.43 -25.06
CA LEU B 17 -1.58 -6.51 -26.09
C LEU B 17 -2.98 -7.11 -26.18
N GLY B 18 -3.84 -6.84 -25.19
CA GLY B 18 -5.08 -7.62 -25.14
C GLY B 18 -5.96 -7.33 -23.96
N LEU B 19 -7.23 -7.70 -24.08
CA LEU B 19 -8.24 -7.46 -23.04
C LEU B 19 -8.40 -8.70 -22.15
N ASP B 20 -7.54 -9.71 -22.32
CA ASP B 20 -7.57 -10.89 -21.43
C ASP B 20 -6.19 -11.56 -21.46
N VAL B 21 -6.05 -12.65 -20.74
CA VAL B 21 -4.74 -13.35 -20.66
C VAL B 21 -4.43 -13.96 -22.01
N PRO B 22 -5.28 -14.82 -22.60
CA PRO B 22 -4.87 -15.54 -23.81
C PRO B 22 -4.57 -14.61 -24.98
N SER B 23 -5.32 -13.54 -25.17
CA SER B 23 -5.01 -12.55 -26.25
C SER B 23 -3.64 -11.90 -25.95
N SER B 24 -3.42 -11.47 -24.72
CA SER B 24 -2.13 -10.82 -24.34
C SER B 24 -0.97 -11.79 -24.62
N TRP B 25 -1.12 -13.04 -24.19
CA TRP B 25 -0.05 -14.06 -24.27
C TRP B 25 0.23 -14.40 -25.74
N GLU B 26 -0.80 -14.49 -26.56
CA GLU B 26 -0.61 -14.69 -28.02
C GLU B 26 0.27 -13.57 -28.58
N GLY B 27 0.05 -12.32 -28.15
CA GLY B 27 0.88 -11.17 -28.57
C GLY B 27 2.31 -11.35 -28.13
N ILE B 28 2.49 -11.77 -26.88
CA ILE B 28 3.83 -11.94 -26.23
C ILE B 28 4.64 -12.95 -27.06
N LEU B 29 4.04 -14.08 -27.37
CA LEU B 29 4.79 -15.16 -28.05
C LEU B 29 5.03 -14.82 -29.51
N ALA B 30 4.23 -13.92 -30.12
CA ALA B 30 4.41 -13.45 -31.51
C ALA B 30 5.34 -12.25 -31.59
N GLY B 31 5.81 -11.70 -30.46
CA GLY B 31 6.73 -10.56 -30.49
C GLY B 31 6.02 -9.28 -30.86
N ARG B 32 4.71 -9.20 -30.67
CA ARG B 32 3.93 -8.00 -31.08
C ARG B 32 4.18 -6.90 -30.04
N SER B 33 4.23 -5.64 -30.49
CA SER B 33 4.24 -4.42 -29.65
C SER B 33 2.80 -3.93 -29.42
N GLY B 34 2.53 -3.50 -28.20
CA GLY B 34 1.29 -2.81 -27.82
C GLY B 34 1.50 -1.30 -27.77
N ILE B 35 2.66 -0.79 -28.21
CA ILE B 35 3.01 0.63 -28.04
C ILE B 35 2.60 1.45 -29.27
N ALA B 36 2.03 2.62 -29.05
CA ALA B 36 1.48 3.50 -30.09
C ALA B 36 1.35 4.91 -29.55
N PRO B 37 1.21 5.90 -30.45
CA PRO B 37 0.93 7.25 -30.03
C PRO B 37 -0.37 7.23 -29.23
N ILE B 38 -0.38 7.99 -28.14
CA ILE B 38 -1.55 8.05 -27.24
C ILE B 38 -2.60 8.92 -27.92
N GLU B 39 -3.86 8.48 -27.91
CA GLU B 39 -4.96 9.20 -28.61
C GLU B 39 -5.82 9.99 -27.64
N HIS B 40 -6.62 10.92 -28.20
CA HIS B 40 -7.65 11.73 -27.50
C HIS B 40 -7.02 12.62 -26.44
N MET B 41 -5.76 13.02 -26.67
CA MET B 41 -5.00 13.89 -25.75
C MET B 41 -4.14 14.84 -26.60
N ASP B 42 -4.08 16.14 -26.29
CA ASP B 42 -3.14 17.05 -26.99
C ASP B 42 -1.78 16.93 -26.30
N LEU B 43 -0.89 16.09 -26.82
CA LEU B 43 0.44 15.86 -26.22
C LEU B 43 1.51 16.71 -26.93
N SER B 44 1.12 17.76 -27.66
CA SER B 44 2.04 18.64 -28.44
C SER B 44 3.23 19.06 -27.58
N ALA B 45 2.99 19.53 -26.36
CA ALA B 45 4.03 20.17 -25.52
C ALA B 45 4.86 19.14 -24.77
N TYR B 46 4.55 17.84 -24.92
CA TYR B 46 5.20 16.74 -24.16
C TYR B 46 6.35 16.17 -24.96
N SER B 47 7.41 15.69 -24.30
CA SER B 47 8.61 15.13 -24.95
C SER B 47 8.41 13.65 -25.31
N THR B 48 7.40 13.01 -24.71
CA THR B 48 6.94 11.63 -25.06
C THR B 48 5.45 11.68 -25.41
N ARG B 49 5.05 11.08 -26.53
CA ARG B 49 3.66 11.20 -27.05
C ARG B 49 3.04 9.82 -27.25
N PHE B 50 3.71 8.79 -26.75
CA PHE B 50 3.35 7.39 -27.03
C PHE B 50 3.39 6.61 -25.72
N GLY B 51 2.78 5.42 -25.74
CA GLY B 51 2.79 4.50 -24.60
C GLY B 51 1.97 3.27 -24.91
N GLY B 52 1.74 2.44 -23.88
CA GLY B 52 0.89 1.24 -24.01
C GLY B 52 -0.51 1.46 -23.45
N SER B 53 -1.46 1.83 -24.28
CA SER B 53 -2.86 2.04 -23.82
C SER B 53 -3.60 0.70 -23.87
N VAL B 54 -4.60 0.54 -23.01
CA VAL B 54 -5.58 -0.57 -23.14
C VAL B 54 -6.56 -0.16 -24.24
N LYS B 55 -6.70 -0.97 -25.29
CA LYS B 55 -7.53 -0.69 -26.48
C LYS B 55 -8.86 -1.41 -26.43
N GLY B 56 -9.95 -0.65 -26.48
CA GLY B 56 -11.33 -1.20 -26.63
C GLY B 56 -11.90 -1.77 -25.34
N PHE B 57 -11.41 -1.35 -24.17
CA PHE B 57 -11.89 -1.83 -22.85
C PHE B 57 -13.35 -1.39 -22.71
N ASN B 58 -14.22 -2.34 -22.40
CA ASN B 58 -15.65 -2.11 -22.15
C ASN B 58 -15.95 -2.43 -20.69
N VAL B 59 -15.93 -1.41 -19.82
CA VAL B 59 -16.19 -1.58 -18.37
C VAL B 59 -17.59 -2.15 -18.15
N GLU B 60 -18.54 -1.91 -19.07
CA GLU B 60 -19.93 -2.40 -18.85
C GLU B 60 -20.05 -3.93 -18.99
N GLU B 61 -18.99 -4.65 -19.39
CA GLU B 61 -18.95 -6.12 -19.20
C GLU B 61 -18.84 -6.49 -17.72
N TYR B 62 -18.42 -5.57 -16.86
CA TYR B 62 -18.09 -5.83 -15.44
C TYR B 62 -19.04 -5.06 -14.52
N LEU B 63 -19.26 -3.78 -14.81
CA LEU B 63 -20.01 -2.85 -13.94
C LEU B 63 -21.13 -2.18 -14.72
N SER B 64 -22.18 -1.74 -14.00
CA SER B 64 -23.16 -0.78 -14.54
C SER B 64 -22.42 0.53 -14.90
N ALA B 65 -22.96 1.26 -15.86
CA ALA B 65 -22.42 2.59 -16.25
C ALA B 65 -22.31 3.45 -14.97
N LYS B 66 -23.32 3.38 -14.14
CA LYS B 66 -23.42 4.25 -12.95
C LYS B 66 -22.30 3.93 -11.94
N GLU B 67 -22.02 2.65 -11.69
N GLU B 67 -22.09 2.64 -11.68
CA GLU B 67 -20.94 2.27 -10.75
CA GLU B 67 -20.99 2.06 -10.85
C GLU B 67 -19.59 2.62 -11.37
C GLU B 67 -19.65 2.59 -11.38
N ALA B 68 -19.41 2.38 -12.67
CA ALA B 68 -18.14 2.69 -13.37
C ALA B 68 -17.82 4.18 -13.30
N ARG B 69 -18.86 5.05 -13.31
CA ARG B 69 -18.67 6.54 -13.32
C ARG B 69 -18.05 6.98 -12.00
N LYS B 70 -18.15 6.16 -10.95
CA LYS B 70 -17.65 6.50 -9.61
C LYS B 70 -16.16 6.19 -9.51
N LEU B 71 -15.58 5.43 -10.47
CA LEU B 71 -14.24 4.84 -10.26
C LEU B 71 -13.22 5.32 -11.31
N ASP B 72 -12.03 5.61 -10.84
CA ASP B 72 -10.89 5.89 -11.75
C ASP B 72 -10.66 4.69 -12.68
N LEU B 73 -10.14 4.96 -13.86
CA LEU B 73 -9.72 3.90 -14.81
C LEU B 73 -8.85 2.85 -14.12
N PHE B 74 -7.90 3.22 -13.23
CA PHE B 74 -7.00 2.17 -12.69
C PHE B 74 -7.81 1.19 -11.84
N ILE B 75 -8.88 1.66 -11.21
CA ILE B 75 -9.78 0.80 -10.39
C ILE B 75 -10.62 -0.07 -11.30
N GLN B 76 -11.13 0.50 -12.40
CA GLN B 76 -11.88 -0.25 -13.42
C GLN B 76 -10.98 -1.39 -13.92
N TYR B 77 -9.72 -1.09 -14.21
CA TYR B 77 -8.81 -2.10 -14.81
C TYR B 77 -8.54 -3.20 -13.78
N GLY B 78 -8.31 -2.81 -12.53
CA GLY B 78 -8.05 -3.80 -11.47
C GLY B 78 -9.25 -4.71 -11.26
N LEU B 79 -10.45 -4.16 -11.30
CA LEU B 79 -11.68 -4.96 -11.12
C LEU B 79 -11.88 -5.89 -12.31
N ALA B 80 -11.63 -5.42 -13.52
CA ALA B 80 -11.72 -6.31 -14.70
C ALA B 80 -10.79 -7.52 -14.56
N ALA B 81 -9.50 -7.29 -14.26
CA ALA B 81 -8.56 -8.42 -14.13
C ALA B 81 -9.03 -9.35 -12.99
N SER B 82 -9.49 -8.79 -11.88
CA SER B 82 -9.87 -9.58 -10.68
C SER B 82 -11.08 -10.44 -11.01
N PHE B 83 -12.08 -9.85 -11.65
CA PHE B 83 -13.31 -10.61 -12.01
C PHE B 83 -12.92 -11.72 -12.98
N GLN B 84 -12.02 -11.41 -13.94
CA GLN B 84 -11.55 -12.45 -14.89
C GLN B 84 -10.91 -13.59 -14.11
N ALA B 85 -10.02 -13.28 -13.17
CA ALA B 85 -9.20 -14.25 -12.44
C ALA B 85 -10.11 -15.14 -11.60
N VAL B 86 -11.09 -14.53 -10.95
CA VAL B 86 -12.03 -15.29 -10.11
C VAL B 86 -12.88 -16.21 -11.00
N ARG B 87 -13.41 -15.70 -12.12
CA ARG B 87 -14.15 -16.55 -13.10
C ARG B 87 -13.23 -17.70 -13.56
N ASP B 88 -11.98 -17.40 -13.93
CA ASP B 88 -11.03 -18.40 -14.48
C ASP B 88 -10.76 -19.51 -13.44
N SER B 89 -10.82 -19.16 -12.16
CA SER B 89 -10.51 -20.11 -11.05
C SER B 89 -11.66 -21.11 -10.86
N GLY B 90 -12.91 -20.76 -11.24
CA GLY B 90 -14.10 -21.60 -10.97
C GLY B 90 -14.52 -21.54 -9.49
N LEU B 91 -13.89 -20.70 -8.66
CA LEU B 91 -14.15 -20.74 -7.19
C LEU B 91 -15.60 -20.30 -6.89
N GLU B 92 -16.24 -21.02 -6.01
CA GLU B 92 -17.60 -20.71 -5.52
C GLU B 92 -17.45 -20.14 -4.11
N VAL B 93 -17.74 -18.85 -3.96
CA VAL B 93 -17.75 -18.18 -2.65
C VAL B 93 -19.06 -18.57 -1.95
N THR B 94 -18.97 -18.96 -0.68
CA THR B 94 -20.11 -19.40 0.13
C THR B 94 -20.04 -18.81 1.53
N ASP B 95 -21.12 -18.94 2.29
CA ASP B 95 -21.08 -18.52 3.70
C ASP B 95 -20.01 -19.34 4.42
N ALA B 96 -19.71 -20.56 3.98
CA ALA B 96 -18.76 -21.45 4.65
C ALA B 96 -17.32 -20.99 4.36
N ASN B 97 -17.04 -20.19 3.31
CA ASN B 97 -15.61 -19.91 2.99
C ASN B 97 -15.35 -18.41 2.85
N ARG B 98 -16.36 -17.56 2.93
CA ARG B 98 -16.15 -16.15 2.54
C ARG B 98 -15.17 -15.46 3.51
N GLU B 99 -15.05 -15.90 4.77
CA GLU B 99 -14.11 -15.27 5.73
C GLU B 99 -12.67 -15.70 5.41
N ARG B 100 -12.49 -16.66 4.51
CA ARG B 100 -11.18 -17.27 4.18
C ARG B 100 -10.71 -16.79 2.81
N ILE B 101 -11.41 -15.83 2.21
CA ILE B 101 -11.12 -15.33 0.84
C ILE B 101 -10.90 -13.84 0.95
N GLY B 102 -9.68 -13.40 0.61
CA GLY B 102 -9.32 -11.98 0.68
C GLY B 102 -8.80 -11.47 -0.62
N VAL B 103 -8.36 -10.21 -0.60
N VAL B 103 -8.33 -10.24 -0.63
CA VAL B 103 -7.94 -9.41 -1.78
CA VAL B 103 -7.88 -9.55 -1.87
C VAL B 103 -6.74 -8.56 -1.41
C VAL B 103 -6.83 -8.50 -1.52
N SER B 104 -5.74 -8.51 -2.29
CA SER B 104 -4.64 -7.53 -2.21
C SER B 104 -4.32 -7.16 -3.66
N MET B 105 -5.01 -6.16 -4.14
CA MET B 105 -4.77 -5.54 -5.45
C MET B 105 -4.23 -4.12 -5.18
N GLY B 106 -3.11 -3.82 -5.82
CA GLY B 106 -2.42 -2.56 -5.56
C GLY B 106 -2.31 -1.68 -6.79
N SER B 107 -1.62 -0.59 -6.61
CA SER B 107 -1.26 0.37 -7.68
C SER B 107 -0.05 1.16 -7.22
N GLY B 108 0.79 1.57 -8.17
CA GLY B 108 2.01 2.34 -7.93
C GLY B 108 1.67 3.81 -7.80
N ILE B 109 0.77 4.32 -8.64
CA ILE B 109 0.55 5.80 -8.70
C ILE B 109 -0.92 6.16 -8.48
N GLY B 110 -1.86 5.23 -8.66
CA GLY B 110 -3.27 5.45 -8.28
C GLY B 110 -3.97 6.38 -9.25
N GLY B 111 -4.84 7.25 -8.75
CA GLY B 111 -5.91 7.84 -9.58
C GLY B 111 -5.54 9.15 -10.27
N LEU B 112 -4.50 9.19 -11.11
CA LEU B 112 -4.01 10.43 -11.76
C LEU B 112 -5.05 11.02 -12.69
N THR B 113 -5.81 10.21 -13.42
CA THR B 113 -6.83 10.67 -14.38
C THR B 113 -7.96 11.40 -13.64
N ASN B 114 -8.44 10.80 -12.55
N ASN B 114 -8.39 10.84 -12.51
CA ASN B 114 -9.45 11.41 -11.64
CA ASN B 114 -9.47 11.47 -11.70
C ASN B 114 -8.88 12.69 -11.01
C ASN B 114 -8.90 12.69 -10.94
N ILE B 115 -7.64 12.66 -10.51
CA ILE B 115 -7.00 13.86 -9.90
C ILE B 115 -6.96 14.97 -10.95
N GLU B 116 -6.59 14.67 -12.19
CA GLU B 116 -6.55 15.66 -13.30
C GLU B 116 -7.93 16.27 -13.50
N ASN B 117 -8.95 15.42 -13.65
CA ASN B 117 -10.30 15.88 -14.02
C ASN B 117 -10.85 16.68 -12.86
N ASN B 118 -10.57 16.29 -11.60
CA ASN B 118 -11.12 17.03 -10.45
C ASN B 118 -10.36 18.33 -10.22
N CYS B 119 -9.06 18.37 -10.56
CA CYS B 119 -8.24 19.60 -10.54
C CYS B 119 -8.82 20.61 -11.54
N ARG B 120 -9.18 20.11 -12.73
CA ARG B 120 -9.82 20.94 -13.77
C ARG B 120 -11.02 21.65 -13.13
N SER B 121 -11.95 20.92 -12.53
CA SER B 121 -13.14 21.48 -11.84
C SER B 121 -12.70 22.48 -10.74
N LEU B 122 -11.81 22.06 -9.85
CA LEU B 122 -11.35 22.92 -8.72
C LEU B 122 -10.82 24.26 -9.25
N PHE B 123 -9.93 24.22 -10.24
CA PHE B 123 -9.15 25.40 -10.67
C PHE B 123 -10.07 26.37 -11.39
N GLU B 124 -10.96 25.79 -12.21
CA GLU B 124 -11.80 26.55 -13.15
C GLU B 124 -12.99 27.14 -12.40
N GLN B 125 -13.69 26.30 -11.63
N GLN B 125 -13.72 26.34 -11.61
CA GLN B 125 -15.06 26.56 -11.09
CA GLN B 125 -15.00 26.80 -11.02
C GLN B 125 -15.06 26.66 -9.56
C GLN B 125 -15.18 26.35 -9.56
N GLY B 126 -14.07 26.08 -8.86
CA GLY B 126 -14.02 26.08 -7.38
C GLY B 126 -14.29 24.71 -6.75
N PRO B 127 -14.06 24.54 -5.43
CA PRO B 127 -14.17 23.22 -4.82
C PRO B 127 -15.58 22.59 -4.82
N ARG B 128 -16.64 23.37 -4.98
CA ARG B 128 -18.02 22.81 -4.87
C ARG B 128 -18.29 22.00 -6.14
N ARG B 129 -17.43 22.06 -7.16
CA ARG B 129 -17.60 21.22 -8.39
C ARG B 129 -16.76 19.93 -8.31
N ILE B 130 -16.05 19.68 -7.21
CA ILE B 130 -15.32 18.38 -7.03
C ILE B 130 -16.37 17.25 -6.89
N SER B 131 -16.16 16.12 -7.54
CA SER B 131 -17.09 14.96 -7.47
C SER B 131 -17.19 14.45 -6.05
N PRO B 132 -18.42 14.16 -5.56
CA PRO B 132 -18.63 13.48 -4.29
C PRO B 132 -17.88 12.14 -4.15
N PHE B 133 -17.57 11.54 -5.30
CA PHE B 133 -16.93 10.20 -5.32
C PHE B 133 -15.44 10.38 -5.56
N PHE B 134 -14.93 11.61 -5.56
CA PHE B 134 -13.51 11.87 -5.82
C PHE B 134 -12.64 11.01 -4.92
N VAL B 135 -12.84 11.06 -3.59
CA VAL B 135 -11.95 10.30 -2.67
C VAL B 135 -12.16 8.79 -2.84
N PRO B 136 -13.37 8.21 -2.61
CA PRO B 136 -13.49 6.75 -2.64
C PRO B 136 -13.24 6.18 -4.04
N GLY B 137 -13.48 7.00 -5.08
CA GLY B 137 -13.28 6.56 -6.48
C GLY B 137 -11.85 6.75 -6.96
N SER B 138 -10.93 7.23 -6.11
CA SER B 138 -9.53 7.49 -6.54
C SER B 138 -8.50 6.74 -5.68
N ILE B 139 -8.87 6.30 -4.49
CA ILE B 139 -7.88 5.73 -3.53
C ILE B 139 -7.54 4.30 -3.92
N ILE B 140 -6.31 3.92 -3.65
CA ILE B 140 -5.72 2.70 -4.26
C ILE B 140 -6.41 1.45 -3.70
N ASN B 141 -6.94 1.49 -2.48
CA ASN B 141 -7.49 0.25 -1.87
C ASN B 141 -8.90 -0.02 -2.39
N MET B 142 -9.42 0.75 -3.37
CA MET B 142 -10.81 0.55 -3.79
C MET B 142 -10.94 -0.62 -4.76
N VAL B 143 -9.89 -1.10 -5.40
CA VAL B 143 -10.02 -2.39 -6.16
C VAL B 143 -10.34 -3.51 -5.16
N SER B 144 -9.52 -3.65 -4.13
CA SER B 144 -9.78 -4.64 -3.04
C SER B 144 -11.16 -4.35 -2.42
N GLY B 145 -11.48 -3.08 -2.13
CA GLY B 145 -12.76 -2.73 -1.50
C GLY B 145 -13.92 -3.13 -2.40
N PHE B 146 -13.93 -2.71 -3.66
CA PHE B 146 -15.10 -2.96 -4.55
C PHE B 146 -15.21 -4.45 -4.79
N LEU B 147 -14.07 -5.11 -4.97
CA LEU B 147 -14.08 -6.54 -5.30
C LEU B 147 -14.69 -7.29 -4.13
N SER B 148 -14.26 -6.97 -2.90
N SER B 148 -14.25 -6.95 -2.90
CA SER B 148 -14.76 -7.65 -1.68
CA SER B 148 -14.72 -7.56 -1.63
C SER B 148 -16.27 -7.42 -1.55
C SER B 148 -16.24 -7.40 -1.53
N ILE B 149 -16.75 -6.19 -1.78
CA ILE B 149 -18.21 -5.88 -1.69
C ILE B 149 -18.95 -6.67 -2.74
N HIS B 150 -18.45 -6.68 -3.96
CA HIS B 150 -19.17 -7.30 -5.09
C HIS B 150 -19.30 -8.81 -4.90
N LEU B 151 -18.24 -9.47 -4.44
CA LEU B 151 -18.17 -10.95 -4.36
C LEU B 151 -18.43 -11.43 -2.92
N GLY B 152 -18.56 -10.54 -1.93
CA GLY B 152 -18.82 -10.93 -0.53
C GLY B 152 -17.59 -11.54 0.14
N LEU B 153 -16.40 -11.05 -0.18
CA LEU B 153 -15.12 -11.56 0.40
C LEU B 153 -14.88 -10.86 1.73
N GLN B 154 -14.71 -11.65 2.78
CA GLN B 154 -14.57 -11.11 4.15
C GLN B 154 -13.18 -11.44 4.71
N GLY B 155 -12.34 -12.06 3.89
CA GLY B 155 -10.93 -12.32 4.28
C GLY B 155 -10.10 -11.06 4.34
N PRO B 156 -8.76 -11.20 4.53
CA PRO B 156 -7.88 -10.03 4.56
C PRO B 156 -8.09 -9.16 3.34
N ASN B 157 -8.26 -7.87 3.59
N ASN B 157 -8.22 -7.85 3.58
CA ASN B 157 -8.57 -6.86 2.56
CA ASN B 157 -8.59 -6.85 2.55
C ASN B 157 -7.57 -5.71 2.71
C ASN B 157 -7.63 -5.66 2.66
N TYR B 158 -6.66 -5.58 1.75
CA TYR B 158 -5.62 -4.55 1.81
C TYR B 158 -5.12 -4.28 0.41
N ALA B 159 -4.26 -3.31 0.34
CA ALA B 159 -3.64 -2.87 -0.93
C ALA B 159 -2.21 -2.43 -0.62
N LEU B 160 -1.26 -2.89 -1.43
CA LEU B 160 0.13 -2.42 -1.40
C LEU B 160 0.30 -1.29 -2.41
N THR B 161 1.26 -0.44 -2.16
CA THR B 161 1.70 0.57 -3.16
C THR B 161 3.23 0.64 -2.99
N THR B 162 3.94 -0.05 -3.85
CA THR B 162 5.41 -0.08 -3.87
C THR B 162 5.88 0.29 -5.26
N ALA B 163 5.32 1.39 -5.79
CA ALA B 163 5.74 1.91 -7.08
C ALA B 163 5.78 0.76 -8.10
N GLN B 164 6.89 0.60 -8.79
CA GLN B 164 6.98 -0.35 -9.93
C GLN B 164 7.09 -1.81 -9.42
N THR B 165 7.10 -2.03 -8.11
CA THR B 165 7.23 -3.37 -7.48
C THR B 165 5.87 -3.85 -6.97
N THR B 166 4.85 -3.01 -7.05
CA THR B 166 3.55 -3.24 -6.41
C THR B 166 3.00 -4.63 -6.72
N GLY B 167 2.87 -4.98 -8.00
CA GLY B 167 2.25 -6.25 -8.38
C GLY B 167 2.98 -7.45 -7.81
N THR B 168 4.30 -7.42 -7.81
CA THR B 168 5.13 -8.53 -7.30
C THR B 168 4.90 -8.65 -5.78
N HIS B 169 5.02 -7.54 -5.07
CA HIS B 169 4.81 -7.56 -3.61
C HIS B 169 3.39 -7.99 -3.25
N SER B 170 2.41 -7.55 -4.04
CA SER B 170 0.99 -7.86 -3.74
C SER B 170 0.84 -9.38 -3.78
N ILE B 171 1.33 -9.98 -4.84
CA ILE B 171 1.24 -11.44 -5.04
C ILE B 171 2.02 -12.16 -3.94
N GLY B 172 3.26 -11.78 -3.68
CA GLY B 172 4.06 -12.47 -2.66
C GLY B 172 3.43 -12.43 -1.28
N MET B 173 2.95 -11.25 -0.87
N MET B 173 2.94 -11.26 -0.85
CA MET B 173 2.38 -11.04 0.49
CA MET B 173 2.39 -11.12 0.51
C MET B 173 1.05 -11.80 0.62
C MET B 173 1.03 -11.83 0.63
N ALA B 174 0.26 -11.88 -0.45
CA ALA B 174 -1.01 -12.64 -0.48
C ALA B 174 -0.65 -14.14 -0.36
N ALA B 175 0.43 -14.56 -0.98
CA ALA B 175 0.93 -15.96 -0.86
C ALA B 175 1.31 -16.25 0.58
N ARG B 176 1.99 -15.32 1.26
CA ARG B 176 2.32 -15.47 2.71
C ARG B 176 1.03 -15.60 3.53
N ASN B 177 0.01 -14.81 3.23
CA ASN B 177 -1.26 -14.87 3.98
C ASN B 177 -1.74 -16.33 3.95
N ILE B 178 -1.71 -16.93 2.78
CA ILE B 178 -2.27 -18.29 2.61
C ILE B 178 -1.33 -19.30 3.27
N ALA B 179 -0.03 -19.15 3.06
CA ALA B 179 0.96 -20.11 3.59
C ALA B 179 0.90 -20.20 5.12
N TYR B 180 0.66 -19.08 5.79
CA TYR B 180 0.67 -18.97 7.26
C TYR B 180 -0.74 -19.07 7.84
N GLY B 181 -1.72 -19.43 7.01
CA GLY B 181 -3.08 -19.80 7.47
C GLY B 181 -3.99 -18.63 7.76
N GLU B 182 -3.72 -17.42 7.27
CA GLU B 182 -4.59 -16.24 7.53
C GLU B 182 -5.70 -16.19 6.48
N ALA B 183 -5.56 -16.96 5.40
CA ALA B 183 -6.56 -17.05 4.32
C ALA B 183 -6.39 -18.37 3.57
N ASP B 184 -7.42 -18.84 2.87
CA ASP B 184 -7.26 -20.02 2.01
C ASP B 184 -7.15 -19.59 0.56
N VAL B 185 -7.73 -18.45 0.20
CA VAL B 185 -7.72 -17.92 -1.18
C VAL B 185 -7.43 -16.43 -1.11
N MET B 186 -6.64 -15.94 -2.03
CA MET B 186 -6.44 -14.47 -2.19
C MET B 186 -6.48 -14.12 -3.68
N VAL B 187 -7.09 -12.99 -3.98
CA VAL B 187 -7.00 -12.37 -5.33
C VAL B 187 -5.92 -11.28 -5.23
N ALA B 188 -4.85 -11.36 -6.01
CA ALA B 188 -3.70 -10.48 -5.80
C ALA B 188 -3.13 -10.01 -7.13
N GLY B 189 -2.52 -8.82 -7.12
CA GLY B 189 -2.00 -8.26 -8.37
C GLY B 189 -1.99 -6.77 -8.30
N GLY B 190 -2.16 -6.11 -9.43
CA GLY B 190 -2.10 -4.66 -9.44
C GLY B 190 -2.71 -4.10 -10.71
N SER B 191 -2.89 -2.80 -10.73
CA SER B 191 -3.49 -2.10 -11.87
C SER B 191 -2.91 -0.69 -11.94
N GLU B 192 -2.95 -0.12 -13.12
CA GLU B 192 -2.32 1.19 -13.32
C GLU B 192 -2.90 1.85 -14.57
N MET B 193 -3.15 3.15 -14.48
N MET B 193 -3.14 3.15 -14.45
CA MET B 193 -3.51 4.02 -15.63
CA MET B 193 -3.57 4.07 -15.53
C MET B 193 -2.84 5.36 -15.40
C MET B 193 -2.83 5.39 -15.38
N ALA B 194 -1.59 5.44 -15.87
CA ALA B 194 -0.74 6.63 -15.78
C ALA B 194 -0.28 7.11 -17.18
N ALA B 195 -0.94 6.81 -18.33
CA ALA B 195 -0.91 7.77 -19.50
C ALA B 195 -1.10 9.15 -18.97
N CYS B 196 -2.36 9.58 -18.88
CA CYS B 196 -2.71 10.94 -18.46
C CYS B 196 -1.52 11.85 -18.70
N GLY B 197 -1.82 13.11 -18.80
CA GLY B 197 -0.77 14.12 -18.80
C GLY B 197 0.11 13.95 -17.59
N LEU B 198 -0.45 13.58 -16.44
CA LEU B 198 0.34 13.67 -15.18
C LEU B 198 1.43 12.60 -15.17
N GLY B 199 1.14 11.40 -15.69
CA GLY B 199 2.14 10.31 -15.79
C GLY B 199 3.18 10.67 -16.83
N LEU B 200 2.74 11.01 -18.05
CA LEU B 200 3.67 11.35 -19.14
C LEU B 200 4.47 12.58 -18.72
N GLY B 201 3.82 13.61 -18.18
CA GLY B 201 4.48 14.85 -17.74
C GLY B 201 5.42 14.60 -16.57
N GLY B 202 4.98 13.85 -15.56
CA GLY B 202 5.77 13.60 -14.34
C GLY B 202 7.02 12.79 -14.61
N PHE B 203 6.90 11.65 -15.27
CA PHE B 203 8.08 10.84 -15.66
C PHE B 203 8.93 11.60 -16.67
N GLY B 204 8.28 12.33 -17.60
CA GLY B 204 8.97 13.11 -18.62
C GLY B 204 9.84 14.19 -18.01
N ALA B 205 9.39 14.82 -16.92
CA ALA B 205 10.14 15.90 -16.25
C ALA B 205 11.43 15.35 -15.63
N ALA B 206 11.42 14.06 -15.20
CA ALA B 206 12.61 13.36 -14.67
C ALA B 206 13.50 12.83 -15.82
N ARG B 207 13.08 13.01 -17.08
CA ARG B 207 13.71 12.51 -18.33
C ARG B 207 13.90 11.01 -18.24
N ALA B 208 12.91 10.32 -17.71
CA ALA B 208 12.97 8.86 -17.41
C ALA B 208 12.46 8.09 -18.63
N LEU B 209 11.68 8.77 -19.47
CA LEU B 209 10.95 8.09 -20.58
C LEU B 209 11.79 8.10 -21.87
N SER B 210 11.66 7.03 -22.65
CA SER B 210 11.99 7.06 -24.08
C SER B 210 11.25 8.22 -24.75
N THR B 211 11.95 8.93 -25.64
CA THR B 211 11.43 10.04 -26.47
C THR B 211 11.49 9.64 -27.96
N ARG B 212 11.54 8.36 -28.28
CA ARG B 212 11.56 7.82 -29.67
C ARG B 212 10.14 7.93 -30.29
N ASN B 213 9.65 9.17 -30.43
CA ASN B 213 8.28 9.48 -30.90
C ASN B 213 8.09 8.96 -32.33
N ASP B 214 9.14 8.92 -33.14
CA ASP B 214 9.05 8.52 -34.57
C ASP B 214 8.80 7.02 -34.71
N GLU B 215 9.20 6.19 -33.73
CA GLU B 215 9.13 4.70 -33.85
C GLU B 215 8.74 4.12 -32.49
N PRO B 216 7.49 4.36 -32.05
CA PRO B 216 7.08 3.97 -30.70
C PRO B 216 7.26 2.48 -30.41
N THR B 217 7.11 1.62 -31.42
CA THR B 217 7.18 0.15 -31.22
C THR B 217 8.63 -0.28 -30.98
N ARG B 218 9.59 0.58 -31.38
CA ARG B 218 11.03 0.29 -31.19
C ARG B 218 11.56 1.00 -29.95
N ALA B 219 10.72 1.72 -29.21
CA ALA B 219 11.20 2.57 -28.08
C ALA B 219 11.70 1.69 -26.95
N SER B 220 10.94 0.66 -26.58
CA SER B 220 11.23 -0.20 -25.41
C SER B 220 12.18 -1.30 -25.90
N ARG B 221 13.45 -1.19 -25.53
CA ARG B 221 14.54 -2.03 -26.12
C ARG B 221 15.51 -2.41 -25.01
N PRO B 222 15.04 -3.23 -24.03
CA PRO B 222 15.85 -3.59 -22.88
C PRO B 222 17.18 -4.22 -23.29
N TRP B 223 18.26 -3.71 -22.68
CA TRP B 223 19.67 -4.13 -22.87
C TRP B 223 20.24 -3.77 -24.25
N ASP B 224 19.49 -3.06 -25.09
CA ASP B 224 19.97 -2.60 -26.42
C ASP B 224 20.77 -1.33 -26.20
N ARG B 225 21.87 -1.17 -26.95
CA ARG B 225 22.80 -0.05 -26.67
C ARG B 225 22.13 1.30 -26.96
N ASP B 226 21.02 1.34 -27.72
CA ASP B 226 20.32 2.57 -28.15
C ASP B 226 19.08 2.86 -27.29
N ARG B 227 18.88 2.15 -26.20
CA ARG B 227 17.74 2.40 -25.28
C ARG B 227 17.91 3.78 -24.64
N ASP B 228 16.80 4.41 -24.28
CA ASP B 228 16.79 5.82 -23.79
C ASP B 228 15.63 5.99 -22.79
N GLY B 229 15.28 4.94 -22.04
CA GLY B 229 14.34 5.02 -20.90
C GLY B 229 13.09 4.18 -21.16
N PHE B 230 12.18 4.17 -20.19
CA PHE B 230 11.05 3.21 -20.22
C PHE B 230 9.90 3.85 -20.97
N VAL B 231 8.95 2.99 -21.28
CA VAL B 231 7.71 3.33 -22.00
C VAL B 231 6.57 3.13 -21.00
N LEU B 232 5.70 4.12 -20.89
CA LEU B 232 4.60 4.09 -19.90
C LEU B 232 3.39 3.32 -20.44
N SER B 233 2.85 2.42 -19.65
CA SER B 233 1.77 1.53 -20.10
C SER B 233 0.74 1.30 -18.99
N ASP B 234 -0.45 0.94 -19.44
CA ASP B 234 -1.70 0.86 -18.64
C ASP B 234 -2.14 -0.59 -18.60
N GLY B 235 -2.85 -0.97 -17.54
CA GLY B 235 -3.53 -2.28 -17.52
C GLY B 235 -3.51 -2.86 -16.13
N SER B 236 -3.62 -4.18 -16.05
CA SER B 236 -3.90 -4.85 -14.78
C SER B 236 -3.58 -6.33 -14.90
N GLY B 237 -3.17 -6.92 -13.78
CA GLY B 237 -3.04 -8.38 -13.66
C GLY B 237 -3.56 -8.83 -12.32
N ALA B 238 -4.27 -9.94 -12.31
CA ALA B 238 -4.78 -10.54 -11.07
C ALA B 238 -4.57 -12.03 -11.16
N LEU B 239 -4.19 -12.58 -10.04
CA LEU B 239 -4.12 -14.05 -9.89
C LEU B 239 -5.02 -14.46 -8.74
N VAL B 240 -5.59 -15.65 -8.91
CA VAL B 240 -6.17 -16.35 -7.74
C VAL B 240 -5.13 -17.30 -7.16
N LEU B 241 -4.69 -16.98 -5.95
CA LEU B 241 -3.75 -17.80 -5.18
C LEU B 241 -4.61 -18.64 -4.27
N GLU B 242 -4.23 -19.90 -4.08
CA GLU B 242 -5.09 -20.84 -3.36
C GLU B 242 -4.22 -21.85 -2.62
N GLU B 243 -4.60 -22.13 -1.38
CA GLU B 243 -3.95 -23.23 -0.64
C GLU B 243 -4.11 -24.54 -1.43
N LEU B 244 -3.05 -25.33 -1.50
CA LEU B 244 -3.01 -26.53 -2.39
C LEU B 244 -4.13 -27.51 -2.05
N GLU B 245 -4.29 -27.87 -0.79
CA GLU B 245 -5.32 -28.90 -0.44
C GLU B 245 -6.72 -28.34 -0.75
N HIS B 246 -6.95 -27.06 -0.50
CA HIS B 246 -8.21 -26.39 -0.91
C HIS B 246 -8.42 -26.53 -2.42
N ALA B 247 -7.38 -26.30 -3.24
CA ALA B 247 -7.49 -26.37 -4.70
C ALA B 247 -7.80 -27.82 -5.11
N ARG B 248 -7.08 -28.76 -4.52
CA ARG B 248 -7.24 -30.20 -4.88
C ARG B 248 -8.64 -30.68 -4.51
N ALA B 249 -9.17 -30.28 -3.35
CA ALA B 249 -10.47 -30.76 -2.83
C ALA B 249 -11.61 -30.40 -3.79
N ARG B 250 -11.56 -29.22 -4.41
CA ARG B 250 -12.65 -28.78 -5.31
C ARG B 250 -12.33 -29.11 -6.76
N GLY B 251 -11.21 -29.76 -7.08
CA GLY B 251 -10.85 -30.15 -8.44
C GLY B 251 -10.43 -28.95 -9.28
N ALA B 252 -9.80 -27.95 -8.67
CA ALA B 252 -9.31 -26.77 -9.41
C ALA B 252 -8.31 -27.17 -10.49
N ARG B 253 -8.28 -26.39 -11.58
CA ARG B 253 -7.18 -26.44 -12.57
C ARG B 253 -6.05 -25.62 -11.94
N ILE B 254 -4.89 -26.21 -11.80
CA ILE B 254 -3.70 -25.54 -11.20
C ILE B 254 -2.74 -25.17 -12.32
N TYR B 255 -2.39 -23.89 -12.45
CA TYR B 255 -1.43 -23.48 -13.50
C TYR B 255 0.00 -23.80 -13.07
N ALA B 256 0.33 -23.53 -11.82
CA ALA B 256 1.71 -23.54 -11.32
C ALA B 256 1.66 -23.38 -9.82
N GLU B 257 2.81 -23.63 -9.19
CA GLU B 257 2.96 -23.41 -7.74
C GLU B 257 3.80 -22.16 -7.52
N LEU B 258 3.42 -21.36 -6.53
CA LEU B 258 4.25 -20.23 -6.09
C LEU B 258 5.10 -20.72 -4.91
N VAL B 259 6.40 -20.97 -5.13
CA VAL B 259 7.26 -21.66 -4.14
C VAL B 259 8.12 -20.66 -3.36
N GLY B 260 8.35 -19.45 -3.88
CA GLY B 260 9.34 -18.51 -3.33
C GLY B 260 8.88 -17.05 -3.49
N PHE B 261 9.23 -16.24 -2.49
CA PHE B 261 8.99 -14.79 -2.46
C PHE B 261 10.15 -14.16 -1.75
N GLY B 262 10.79 -13.22 -2.43
CA GLY B 262 11.86 -12.40 -1.83
C GLY B 262 11.53 -10.93 -1.87
N MET B 263 12.05 -10.23 -0.88
CA MET B 263 12.00 -8.75 -0.79
C MET B 263 13.39 -8.28 -0.37
N SER B 264 13.75 -7.10 -0.81
CA SER B 264 14.93 -6.42 -0.26
C SER B 264 14.76 -4.92 -0.50
N GLY B 265 15.59 -4.13 0.15
CA GLY B 265 15.76 -2.70 -0.14
C GLY B 265 17.20 -2.46 -0.56
N ASP B 266 17.41 -1.71 -1.63
CA ASP B 266 18.75 -1.24 -2.06
C ASP B 266 19.36 -0.30 -1.03
N ALA B 267 18.53 0.54 -0.41
CA ALA B 267 18.95 1.67 0.45
C ALA B 267 20.03 2.50 -0.28
N PHE B 268 19.78 2.83 -1.54
CA PHE B 268 20.81 3.44 -2.40
C PHE B 268 20.36 4.82 -2.87
N HIS B 269 19.31 4.88 -3.70
CA HIS B 269 18.89 6.13 -4.41
C HIS B 269 17.39 6.12 -4.63
N MET B 270 16.81 7.30 -4.79
CA MET B 270 15.33 7.45 -4.88
C MET B 270 14.81 6.77 -6.15
N THR B 271 15.56 6.79 -7.25
CA THR B 271 15.02 6.30 -8.55
C THR B 271 15.96 5.35 -9.27
N ALA B 272 17.27 5.43 -9.04
CA ALA B 272 18.30 4.65 -9.75
C ALA B 272 18.75 3.46 -8.92
N PRO B 273 19.00 2.28 -9.52
CA PRO B 273 19.61 1.18 -8.78
C PRO B 273 21.12 1.34 -8.66
N PRO B 274 21.76 0.65 -7.70
CA PRO B 274 23.22 0.62 -7.65
C PRO B 274 23.72 -0.12 -8.89
N GLU B 275 24.91 0.25 -9.37
CA GLU B 275 25.39 -0.19 -10.70
C GLU B 275 25.48 -1.71 -10.76
N ASP B 276 25.85 -2.37 -9.65
CA ASP B 276 26.07 -3.83 -9.56
C ASP B 276 24.77 -4.57 -9.16
N GLY B 277 23.64 -3.86 -9.03
CA GLY B 277 22.36 -4.50 -8.62
C GLY B 277 22.48 -5.31 -7.34
N ALA B 278 23.27 -4.85 -6.36
CA ALA B 278 23.47 -5.64 -5.11
C ALA B 278 22.11 -5.95 -4.46
N GLY B 279 21.17 -5.00 -4.47
CA GLY B 279 19.88 -5.19 -3.79
C GLY B 279 19.05 -6.25 -4.52
N ALA B 280 19.03 -6.17 -5.85
CA ALA B 280 18.32 -7.14 -6.72
C ALA B 280 18.89 -8.53 -6.48
N ALA B 281 20.22 -8.64 -6.34
CA ALA B 281 20.86 -9.94 -6.03
C ALA B 281 20.42 -10.49 -4.68
N ARG B 282 20.40 -9.66 -3.62
CA ARG B 282 19.93 -10.09 -2.27
C ARG B 282 18.49 -10.59 -2.39
N CYS B 283 17.65 -9.85 -3.10
CA CYS B 283 16.22 -10.14 -3.23
C CYS B 283 16.07 -11.51 -3.95
N MET B 284 16.76 -11.73 -5.06
CA MET B 284 16.66 -13.04 -5.77
C MET B 284 17.16 -14.18 -4.86
N LYS B 285 18.27 -13.98 -4.15
CA LYS B 285 18.82 -14.98 -3.19
C LYS B 285 17.80 -15.25 -2.09
N ASN B 286 17.13 -14.20 -1.57
CA ASN B 286 16.10 -14.40 -0.53
C ASN B 286 14.95 -15.24 -1.12
N ALA B 287 14.56 -14.99 -2.37
CA ALA B 287 13.42 -15.73 -2.99
C ALA B 287 13.78 -17.20 -3.18
N LEU B 288 15.01 -17.47 -3.62
CA LEU B 288 15.46 -18.86 -3.82
C LEU B 288 15.58 -19.54 -2.45
N ARG B 289 16.16 -18.88 -1.46
CA ARG B 289 16.26 -19.46 -0.10
C ARG B 289 14.83 -19.81 0.36
N ASP B 290 13.88 -18.89 0.15
CA ASP B 290 12.47 -19.08 0.58
C ASP B 290 11.90 -20.33 -0.08
N ALA B 291 12.29 -20.62 -1.31
CA ALA B 291 11.76 -21.77 -2.10
C ALA B 291 12.54 -23.06 -1.78
N GLY B 292 13.60 -22.98 -0.96
CA GLY B 292 14.57 -24.08 -0.80
C GLY B 292 15.20 -24.51 -2.12
N LEU B 293 15.48 -23.58 -3.02
CA LEU B 293 16.07 -23.91 -4.34
C LEU B 293 17.49 -23.36 -4.46
N ASP B 294 18.32 -24.10 -5.20
N ASP B 294 18.34 -24.11 -5.16
CA ASP B 294 19.68 -23.69 -5.62
CA ASP B 294 19.69 -23.64 -5.58
C ASP B 294 19.54 -22.81 -6.86
C ASP B 294 19.52 -22.79 -6.83
N PRO B 295 20.31 -21.71 -7.00
CA PRO B 295 20.26 -20.91 -8.22
C PRO B 295 20.32 -21.74 -9.50
N ARG B 296 21.05 -22.85 -9.46
CA ARG B 296 21.23 -23.74 -10.63
C ARG B 296 19.88 -24.33 -11.09
N GLN B 297 18.85 -24.32 -10.25
CA GLN B 297 17.53 -24.85 -10.63
C GLN B 297 16.68 -23.85 -11.42
N VAL B 298 17.10 -22.59 -11.53
CA VAL B 298 16.28 -21.59 -12.25
C VAL B 298 16.48 -21.77 -13.76
N ASP B 299 15.37 -21.78 -14.50
CA ASP B 299 15.40 -21.98 -15.97
C ASP B 299 15.04 -20.69 -16.71
N TYR B 300 14.17 -19.86 -16.12
CA TYR B 300 13.60 -18.71 -16.86
C TYR B 300 13.43 -17.56 -15.86
N ILE B 301 13.89 -16.39 -16.25
CA ILE B 301 13.68 -15.14 -15.49
C ILE B 301 12.90 -14.17 -16.36
N ASN B 302 11.75 -13.72 -15.87
CA ASN B 302 11.09 -12.56 -16.47
C ASN B 302 11.71 -11.37 -15.74
N ALA B 303 12.58 -10.66 -16.45
CA ALA B 303 13.37 -9.53 -15.93
C ALA B 303 12.43 -8.38 -15.58
N HIS B 304 12.86 -7.48 -14.72
CA HIS B 304 12.22 -6.15 -14.64
C HIS B 304 12.45 -5.43 -15.98
N GLY B 305 13.70 -5.36 -16.47
CA GLY B 305 14.03 -5.04 -17.86
C GLY B 305 13.27 -3.84 -18.42
N THR B 306 13.41 -2.67 -17.80
CA THR B 306 12.57 -1.47 -18.09
C THR B 306 13.02 -0.68 -19.31
N SER B 307 14.27 -0.88 -19.79
CA SER B 307 14.87 -0.14 -20.92
C SER B 307 15.46 1.18 -20.44
N THR B 308 15.74 1.31 -19.14
CA THR B 308 16.57 2.40 -18.60
C THR B 308 18.02 1.94 -18.68
N PRO B 309 18.95 2.83 -19.07
CA PRO B 309 20.35 2.42 -19.16
C PRO B 309 20.86 1.76 -17.87
N ALA B 310 20.76 2.42 -16.71
CA ALA B 310 21.34 1.89 -15.44
C ALA B 310 20.57 0.64 -14.95
N GLY B 311 19.24 0.61 -15.06
CA GLY B 311 18.40 -0.49 -14.53
C GLY B 311 18.75 -1.79 -15.22
N ASP B 312 18.85 -1.74 -16.54
CA ASP B 312 19.03 -2.97 -17.36
C ASP B 312 20.39 -3.59 -17.03
N ILE B 313 21.43 -2.76 -16.90
CA ILE B 313 22.82 -3.26 -16.64
C ILE B 313 22.91 -3.76 -15.19
N ALA B 314 22.25 -3.13 -14.23
CA ALA B 314 22.15 -3.57 -12.83
C ALA B 314 21.61 -5.01 -12.76
N GLU B 315 20.55 -5.29 -13.53
N GLU B 315 20.57 -5.28 -13.57
CA GLU B 315 19.93 -6.64 -13.52
CA GLU B 315 19.89 -6.59 -13.59
C GLU B 315 20.92 -7.67 -14.08
C GLU B 315 20.83 -7.67 -14.14
N ILE B 316 21.60 -7.37 -15.18
CA ILE B 316 22.62 -8.33 -15.73
C ILE B 316 23.63 -8.61 -14.61
N ALA B 317 24.17 -7.58 -13.97
CA ALA B 317 25.17 -7.78 -12.89
C ALA B 317 24.58 -8.64 -11.77
N ALA B 318 23.33 -8.36 -11.34
CA ALA B 318 22.68 -9.09 -10.25
C ALA B 318 22.56 -10.57 -10.63
N VAL B 319 22.10 -10.86 -11.83
CA VAL B 319 21.88 -12.25 -12.31
C VAL B 319 23.24 -12.97 -12.39
N LYS B 320 24.28 -12.29 -12.89
CA LYS B 320 25.64 -12.92 -12.92
C LYS B 320 26.10 -13.25 -11.50
N SER B 321 25.87 -12.35 -10.56
CA SER B 321 26.31 -12.50 -9.15
C SER B 321 25.59 -13.71 -8.54
N VAL B 322 24.27 -13.76 -8.68
CA VAL B 322 23.45 -14.82 -8.07
C VAL B 322 23.75 -16.18 -8.72
N PHE B 323 23.87 -16.24 -10.04
CA PHE B 323 23.76 -17.50 -10.80
C PHE B 323 25.13 -18.03 -11.21
N GLY B 324 26.18 -17.21 -11.19
CA GLY B 324 27.56 -17.67 -11.47
C GLY B 324 27.61 -18.48 -12.76
N GLU B 325 28.09 -19.73 -12.71
CA GLU B 325 28.32 -20.53 -13.94
C GLU B 325 27.00 -20.97 -14.55
N HIS B 326 25.85 -20.68 -13.92
CA HIS B 326 24.51 -21.00 -14.47
C HIS B 326 23.87 -19.78 -15.14
N ALA B 327 24.45 -18.60 -15.04
CA ALA B 327 23.85 -17.32 -15.50
C ALA B 327 23.54 -17.37 -17.00
N HIS B 328 24.33 -18.08 -17.81
CA HIS B 328 24.17 -18.18 -19.28
C HIS B 328 23.19 -19.28 -19.66
N ALA B 329 22.94 -20.24 -18.78
CA ALA B 329 22.13 -21.45 -19.07
C ALA B 329 20.65 -21.10 -18.96
N LEU B 330 20.28 -20.31 -17.94
CA LEU B 330 18.88 -19.80 -17.84
C LEU B 330 18.61 -18.89 -19.05
N SER B 331 17.35 -18.67 -19.33
CA SER B 331 16.92 -17.66 -20.32
C SER B 331 16.30 -16.51 -19.53
N MET B 332 16.65 -15.28 -19.86
CA MET B 332 16.07 -14.10 -19.18
C MET B 332 15.53 -13.16 -20.24
N SER B 333 14.25 -12.78 -20.12
CA SER B 333 13.66 -11.86 -21.12
C SER B 333 12.84 -10.78 -20.43
N SER B 334 12.75 -9.65 -21.10
CA SER B 334 11.89 -8.52 -20.70
C SER B 334 10.68 -8.45 -21.62
N THR B 335 9.51 -8.81 -21.10
CA THR B 335 8.26 -8.66 -21.86
C THR B 335 7.90 -7.17 -21.95
N LYS B 336 8.56 -6.30 -21.18
CA LYS B 336 8.36 -4.84 -21.31
C LYS B 336 8.80 -4.35 -22.69
N SER B 337 9.61 -5.12 -23.41
CA SER B 337 10.00 -4.81 -24.81
C SER B 337 8.75 -4.72 -25.70
N MET B 338 7.70 -5.43 -25.33
CA MET B 338 6.40 -5.51 -26.03
C MET B 338 5.29 -4.71 -25.29
N THR B 339 5.19 -4.83 -23.97
CA THR B 339 4.04 -4.27 -23.19
C THR B 339 4.29 -2.82 -22.77
N GLY B 340 5.55 -2.38 -22.78
CA GLY B 340 5.97 -1.24 -21.98
C GLY B 340 5.84 -1.57 -20.50
N HIS B 341 5.96 -0.53 -19.70
CA HIS B 341 6.14 -0.62 -18.25
C HIS B 341 4.81 -0.24 -17.60
N LEU B 342 4.07 -1.22 -17.09
CA LEU B 342 2.73 -1.01 -16.46
C LEU B 342 2.88 -0.57 -15.00
N LEU B 343 4.10 -0.20 -14.57
CA LEU B 343 4.39 0.35 -13.23
C LEU B 343 3.88 -0.63 -12.15
N GLY B 344 2.90 -0.26 -11.34
CA GLY B 344 2.44 -1.16 -10.28
C GLY B 344 1.78 -2.42 -10.82
N ALA B 345 1.34 -2.44 -12.07
CA ALA B 345 0.74 -3.66 -12.65
C ALA B 345 1.81 -4.47 -13.39
N ALA B 346 3.03 -3.95 -13.55
CA ALA B 346 4.10 -4.70 -14.26
C ALA B 346 4.29 -6.09 -13.64
N GLY B 347 4.46 -6.14 -12.33
CA GLY B 347 4.74 -7.40 -11.65
C GLY B 347 3.59 -8.37 -11.75
N ALA B 348 2.36 -7.85 -11.84
CA ALA B 348 1.17 -8.68 -11.92
C ALA B 348 1.16 -9.35 -13.29
N VAL B 349 1.21 -8.58 -14.37
CA VAL B 349 1.12 -9.16 -15.74
C VAL B 349 2.36 -10.05 -15.97
N GLU B 350 3.50 -9.71 -15.37
CA GLU B 350 4.75 -10.49 -15.63
C GLU B 350 4.74 -11.79 -14.81
N ALA B 351 4.12 -11.82 -13.64
CA ALA B 351 3.86 -13.08 -12.90
C ALA B 351 3.00 -13.98 -13.78
N ILE B 352 1.97 -13.43 -14.43
CA ILE B 352 1.12 -14.25 -15.35
C ILE B 352 1.98 -14.81 -16.49
N PHE B 353 2.81 -13.98 -17.12
CA PHE B 353 3.64 -14.41 -18.26
C PHE B 353 4.62 -15.49 -17.79
N SER B 354 5.11 -15.40 -16.56
CA SER B 354 6.04 -16.40 -15.97
C SER B 354 5.33 -17.74 -15.78
N VAL B 355 4.09 -17.69 -15.31
CA VAL B 355 3.26 -18.91 -15.12
C VAL B 355 2.99 -19.50 -16.49
N LEU B 356 2.68 -18.67 -17.50
CA LEU B 356 2.39 -19.22 -18.86
C LEU B 356 3.67 -19.74 -19.51
N ALA B 357 4.83 -19.18 -19.22
CA ALA B 357 6.11 -19.73 -19.72
C ALA B 357 6.24 -21.16 -19.22
N LEU B 358 5.84 -21.42 -17.97
CA LEU B 358 5.87 -22.77 -17.38
C LEU B 358 4.84 -23.66 -18.08
N ARG B 359 3.62 -23.19 -18.24
CA ARG B 359 2.57 -24.02 -18.88
C ARG B 359 3.03 -24.43 -20.29
N ASP B 360 3.58 -23.50 -21.06
CA ASP B 360 3.77 -23.68 -22.52
C ASP B 360 5.21 -24.04 -22.87
N GLN B 361 6.11 -24.06 -21.89
CA GLN B 361 7.55 -24.41 -22.08
C GLN B 361 8.14 -23.53 -23.18
N VAL B 362 8.07 -22.23 -22.95
CA VAL B 362 8.57 -21.23 -23.94
C VAL B 362 8.97 -19.98 -23.18
N ALA B 363 10.17 -19.47 -23.49
CA ALA B 363 10.66 -18.17 -22.99
C ALA B 363 10.21 -17.11 -23.98
N PRO B 364 9.38 -16.14 -23.53
CA PRO B 364 9.01 -15.02 -24.38
C PRO B 364 10.21 -14.22 -24.81
N PRO B 365 10.13 -13.52 -25.97
CA PRO B 365 11.24 -12.75 -26.51
C PRO B 365 11.48 -11.43 -25.78
N THR B 366 12.72 -10.96 -25.84
CA THR B 366 13.04 -9.53 -25.66
C THR B 366 13.10 -8.95 -27.08
N ILE B 367 12.02 -8.34 -27.57
CA ILE B 367 12.06 -7.72 -28.91
C ILE B 367 12.94 -6.46 -28.86
N ASN B 368 13.40 -6.00 -30.03
CA ASN B 368 14.17 -4.74 -30.23
C ASN B 368 15.62 -4.88 -29.74
N LEU B 369 16.06 -6.09 -29.35
CA LEU B 369 17.42 -6.32 -28.80
C LEU B 369 18.35 -6.54 -29.99
N ASP B 370 18.52 -5.47 -30.78
CA ASP B 370 19.27 -5.48 -32.07
C ASP B 370 20.78 -5.49 -31.80
N ASN B 371 21.24 -4.75 -30.79
CA ASN B 371 22.68 -4.58 -30.45
C ASN B 371 22.83 -4.62 -28.93
N PRO B 372 22.97 -5.82 -28.34
CA PRO B 372 23.20 -5.91 -26.91
C PRO B 372 24.33 -4.97 -26.48
N ASP B 373 24.11 -4.27 -25.38
CA ASP B 373 25.09 -3.32 -24.80
C ASP B 373 26.24 -4.12 -24.18
N GLU B 374 27.27 -3.39 -23.73
CA GLU B 374 28.49 -3.91 -23.09
C GLU B 374 28.10 -4.81 -21.92
N GLY B 375 28.55 -6.05 -21.91
CA GLY B 375 28.33 -6.97 -20.79
C GLY B 375 26.95 -7.62 -20.82
N CYS B 376 26.09 -7.28 -21.77
CA CYS B 376 24.73 -7.86 -21.89
C CYS B 376 24.80 -9.12 -22.73
N ASP B 377 25.57 -10.14 -22.30
CA ASP B 377 25.89 -11.33 -23.13
C ASP B 377 25.21 -12.58 -22.59
N LEU B 378 24.19 -12.44 -21.74
CA LEU B 378 23.34 -13.57 -21.28
C LEU B 378 22.41 -14.02 -22.41
N ASP B 379 21.65 -15.07 -22.18
CA ASP B 379 20.59 -15.50 -23.13
C ASP B 379 19.36 -14.62 -22.84
N LEU B 380 19.22 -13.51 -23.57
CA LEU B 380 18.16 -12.50 -23.38
C LEU B 380 17.01 -12.78 -24.34
N VAL B 381 17.02 -13.96 -24.98
CA VAL B 381 15.92 -14.39 -25.88
C VAL B 381 15.65 -13.27 -26.88
N ALA B 382 16.68 -12.74 -27.54
CA ALA B 382 16.49 -11.63 -28.50
C ALA B 382 15.51 -12.05 -29.61
N HIS B 383 14.54 -11.16 -29.88
CA HIS B 383 13.71 -11.05 -31.10
C HIS B 383 12.58 -12.08 -31.12
N GLU B 384 12.83 -13.35 -30.81
CA GLU B 384 11.86 -14.44 -31.06
C GLU B 384 11.74 -15.33 -29.82
N ALA B 385 10.54 -15.84 -29.59
CA ALA B 385 10.24 -16.74 -28.46
C ALA B 385 11.12 -18.00 -28.59
N LYS B 386 11.48 -18.60 -27.47
CA LYS B 386 12.39 -19.77 -27.46
C LYS B 386 11.73 -20.87 -26.65
N PRO B 387 11.19 -21.90 -27.33
CA PRO B 387 10.79 -23.13 -26.66
C PRO B 387 11.98 -23.75 -25.95
N ARG B 388 11.79 -24.15 -24.70
CA ARG B 388 12.89 -24.72 -23.88
C ARG B 388 12.25 -25.40 -22.69
N LYS B 389 13.04 -26.17 -21.95
CA LYS B 389 12.60 -26.72 -20.66
C LYS B 389 12.56 -25.60 -19.62
N ILE B 390 11.43 -25.45 -18.96
CA ILE B 390 11.29 -24.49 -17.81
C ILE B 390 10.58 -25.21 -16.70
N ASP B 391 11.30 -25.57 -15.65
CA ASP B 391 10.69 -26.10 -14.40
C ASP B 391 10.47 -24.98 -13.38
N VAL B 392 11.38 -23.98 -13.32
CA VAL B 392 11.41 -22.92 -12.28
C VAL B 392 11.58 -21.61 -13.03
N ALA B 393 10.67 -20.66 -12.80
CA ALA B 393 10.62 -19.33 -13.42
C ALA B 393 10.62 -18.27 -12.30
N LEU B 394 11.47 -17.26 -12.44
CA LEU B 394 11.51 -16.12 -11.50
C LEU B 394 10.87 -14.92 -12.20
N SER B 395 10.22 -14.07 -11.42
CA SER B 395 9.76 -12.77 -11.92
C SER B 395 10.29 -11.69 -10.99
N ASN B 396 11.01 -10.70 -11.53
CA ASN B 396 11.64 -9.63 -10.73
C ASN B 396 10.96 -8.27 -10.96
N SER B 397 10.91 -7.46 -9.91
CA SER B 397 10.48 -6.05 -9.95
C SER B 397 11.41 -5.25 -9.04
N PHE B 398 11.99 -4.19 -9.60
CA PHE B 398 13.03 -3.37 -8.93
C PHE B 398 12.59 -1.92 -9.12
N GLY B 399 11.94 -1.30 -8.10
CA GLY B 399 11.23 -0.02 -8.23
C GLY B 399 11.81 1.15 -7.44
N PHE B 400 11.18 2.31 -7.61
CA PHE B 400 11.59 3.56 -6.95
C PHE B 400 11.66 3.34 -5.44
N GLY B 401 12.60 4.02 -4.82
CA GLY B 401 12.91 3.86 -3.39
C GLY B 401 13.80 2.67 -3.15
N GLY B 402 14.25 2.00 -4.22
CA GLY B 402 15.13 0.82 -4.14
C GLY B 402 14.38 -0.38 -3.61
N THR B 403 13.07 -0.44 -3.81
CA THR B 403 12.27 -1.56 -3.27
C THR B 403 12.23 -2.70 -4.29
N ASN B 404 12.57 -3.90 -3.85
CA ASN B 404 12.77 -5.08 -4.73
C ASN B 404 11.81 -6.19 -4.32
N GLY B 405 11.33 -6.90 -5.31
CA GLY B 405 10.52 -8.10 -5.19
C GLY B 405 10.91 -9.14 -6.22
N THR B 406 10.92 -10.40 -5.80
CA THR B 406 11.11 -11.56 -6.67
C THR B 406 10.09 -12.63 -6.30
N LEU B 407 9.41 -13.19 -7.30
CA LEU B 407 8.55 -14.35 -7.13
C LEU B 407 9.20 -15.56 -7.83
N VAL B 408 9.10 -16.72 -7.20
CA VAL B 408 9.59 -18.00 -7.81
C VAL B 408 8.37 -18.89 -8.01
N PHE B 409 8.14 -19.30 -9.25
CA PHE B 409 7.06 -20.24 -9.62
C PHE B 409 7.70 -21.53 -10.12
N ARG B 410 7.05 -22.64 -9.86
CA ARG B 410 7.52 -23.98 -10.28
C ARG B 410 6.37 -24.72 -10.95
N ARG B 411 6.69 -25.53 -11.96
CA ARG B 411 5.70 -26.48 -12.55
C ARG B 411 5.05 -27.30 -11.45
N PHE B 412 3.74 -27.53 -11.58
CA PHE B 412 2.97 -28.37 -10.63
C PHE B 412 2.49 -29.64 -11.35
N ALA B 413 2.72 -30.81 -10.77
CA ALA B 413 2.09 -32.11 -11.16
C ALA B 413 2.14 -33.08 -9.97
N1 Q4U C . 17.83 11.80 -1.81
C4 Q4U C . 19.09 15.10 -1.46
C5 Q4U C . 18.81 13.68 -1.26
C6 Q4U C . 19.03 12.82 -0.21
C7 Q4U C . 18.36 11.61 -0.62
C8 Q4U C . 18.27 10.36 0.13
N Q4U C . 20.29 15.69 -1.02
C Q4U C . 21.56 15.15 1.06
O Q4U C . 18.21 15.75 -2.03
C1 Q4U C . 21.42 14.89 -0.46
C2 Q4U C . 20.49 17.16 -1.18
C3 Q4U C . 21.14 17.42 -2.55
O1 Q4U C . 18.08 13.06 -2.22
S DMS D . 2.45 -10.75 15.79
O DMS D . 2.21 -11.56 14.55
C1 DMS D . 0.88 -10.53 16.57
C2 DMS D . 3.12 -11.85 17.02
S DMS E . -18.67 -11.62 28.00
O DMS E . -18.59 -10.74 29.25
C1 DMS E . -16.98 -11.84 27.41
C2 DMS E . -18.93 -13.27 28.63
S DMS F . 5.22 22.80 -8.73
O DMS F . 5.46 22.47 -10.20
C1 DMS F . 4.71 24.51 -8.64
C2 DMS F . 6.83 22.97 -8.02
S DMS G . -18.39 -9.09 -13.66
O DMS G . -17.99 -10.56 -13.52
C1 DMS G . -19.99 -9.13 -14.41
C2 DMS G . -18.91 -8.54 -12.04
S DMS H . -23.96 -18.52 -0.26
O DMS H . -23.39 -19.68 0.59
C1 DMS H . -24.16 -19.21 -1.89
C2 DMS H . -25.67 -18.46 0.22
S DMS I . 4.60 -18.91 0.00
O DMS I . 4.93 -18.29 1.31
C1 DMS I . 5.92 -18.42 -1.11
C2 DMS I . 5.10 -20.62 0.12
S DMS J . -15.21 10.43 -9.64
O DMS J . -14.21 11.56 -9.64
C1 DMS J . -16.52 11.01 -10.70
C2 DMS J . -14.57 9.19 -10.75
S DMS K . -12.26 -14.92 -18.65
O DMS K . -11.75 -15.25 -17.26
C1 DMS K . -11.02 -13.93 -19.45
C2 DMS K . -13.47 -13.67 -18.49
S DMS L . -14.56 8.40 -14.91
O DMS L . -13.81 8.10 -13.64
C1 DMS L . -14.24 7.03 -16.01
C2 DMS L . -13.61 9.62 -15.77
S DMS M . -18.74 -16.73 -7.37
O DMS M . -19.15 -17.43 -6.09
C1 DMS M . -20.08 -15.67 -7.82
C2 DMS M . -18.90 -17.90 -8.72
P PO4 N . -14.51 -24.48 1.57
O1 PO4 N . -14.31 -26.03 1.34
O2 PO4 N . -15.92 -24.19 2.02
O3 PO4 N . -14.21 -23.72 0.25
O4 PO4 N . -13.54 -24.01 2.66
#